data_7CM2
#
_entry.id   7CM2
#
_cell.length_a   76.050
_cell.length_b   69.131
_cell.length_c   76.858
_cell.angle_alpha   90.000
_cell.angle_beta   96.076
_cell.angle_gamma   90.000
#
_symmetry.space_group_name_H-M   'P 1 21 1'
#
loop_
_entity.id
_entity.type
_entity.pdbx_description
1 polymer 'Ubiquitin carboxyl-terminal hydrolase 7'
2 non-polymer GLYCEROL
3 water water
#
_entity_poly.entity_id   1
_entity_poly.type   'polypeptide(L)'
_entity_poly.pdbx_seq_one_letter_code
;MGGSHHHHHHENLYFQGKKHTGYVGLKNQGATCYMNSLLQTLFFTNQLRKAVYMMPTEGDDSSKSVPLALQRVFYELQHS
DKPVGTKKLTKSFGWETLDSFMQHDVQELCRVLLDNVENKMKGTCVEGTIPKLFRGKMVSYIQCKEVDYRSDRREDYYDI
QLSIKGKKNIFESFVDYVAVEQLDGDNKYDAGEHGLQEAEKGVKFLTLPPVLHLQLMRFMYDPQTDQNIKINDRFEFPEQ
LPLDEFLQKTDPKDPANYILHAVLVHSGDNHGGHYVVYLNPKGDGKWCKFDDDVVSRCTKEEAIEHNYGGHDDDLSVRHC
TNAYMLVYIRESKLSEVLQAVTDHDIPQQLVERLQEEKRIEAQKRKERQE
;
_entity_poly.pdbx_strand_id   A,B
#
loop_
_chem_comp.id
_chem_comp.type
_chem_comp.name
_chem_comp.formula
GOL non-polymer GLYCEROL 'C3 H8 O3'
#
# COMPACT_ATOMS: atom_id res chain seq x y z
N LYS A 18 1.97 8.17 21.32
CA LYS A 18 1.60 7.51 22.61
C LYS A 18 1.85 8.48 23.77
N LYS A 19 3.08 9.01 23.88
CA LYS A 19 3.54 9.83 25.02
C LYS A 19 2.91 11.24 24.94
N HIS A 20 2.69 11.75 23.72
CA HIS A 20 2.01 13.05 23.45
C HIS A 20 0.53 12.99 23.82
N THR A 21 -0.13 11.89 23.45
CA THR A 21 -1.60 11.79 23.24
C THR A 21 -2.26 10.87 24.28
N GLY A 22 -1.59 9.80 24.70
CA GLY A 22 -2.15 8.73 25.56
C GLY A 22 -2.71 7.57 24.75
N TYR A 23 -2.70 7.69 23.41
CA TYR A 23 -3.23 6.68 22.46
C TYR A 23 -2.07 6.19 21.58
N VAL A 24 -2.03 4.88 21.29
CA VAL A 24 -1.01 4.24 20.42
C VAL A 24 -1.62 4.01 19.03
N GLY A 25 -0.75 3.96 18.01
CA GLY A 25 -1.13 3.76 16.59
C GLY A 25 -1.09 2.29 16.18
N LEU A 26 -1.37 2.03 14.91
CA LEU A 26 -1.34 0.68 14.29
C LEU A 26 -0.26 0.67 13.19
N LYS A 27 0.43 -0.45 13.01
CA LYS A 27 1.55 -0.58 12.02
C LYS A 27 0.97 -0.49 10.61
N ASN A 28 1.77 0.05 9.68
CA ASN A 28 1.57 -0.08 8.21
C ASN A 28 2.17 -1.43 7.78
N GLN A 29 1.34 -2.36 7.32
CA GLN A 29 1.76 -3.76 6.99
C GLN A 29 1.16 -4.17 5.64
N GLY A 30 0.95 -3.18 4.76
CA GLY A 30 0.43 -3.40 3.40
C GLY A 30 -0.68 -2.43 3.05
N ALA A 31 -1.30 -2.63 1.89
CA ALA A 31 -2.44 -1.82 1.37
C ALA A 31 -3.73 -2.33 2.01
N THR A 32 -3.85 -2.20 3.34
CA THR A 32 -5.04 -2.60 4.14
C THR A 32 -6.08 -1.47 4.12
N CYS A 33 -5.76 -0.36 3.44
CA CYS A 33 -6.70 0.76 3.14
C CYS A 33 -7.36 1.25 4.45
N TYR A 34 -8.65 1.00 4.62
CA TYR A 34 -9.55 1.52 5.68
C TYR A 34 -9.37 0.77 7.01
N MET A 35 -8.67 -0.37 7.02
CA MET A 35 -8.67 -1.32 8.17
C MET A 35 -8.24 -0.59 9.45
N ASN A 36 -7.01 -0.06 9.49
CA ASN A 36 -6.44 0.60 10.71
C ASN A 36 -7.42 1.67 11.21
N SER A 37 -8.00 2.46 10.30
CA SER A 37 -9.02 3.51 10.58
C SER A 37 -10.22 2.90 11.31
N LEU A 38 -10.78 1.80 10.78
CA LEU A 38 -11.96 1.10 11.35
C LEU A 38 -11.61 0.52 12.74
N LEU A 39 -10.41 -0.04 12.89
CA LEU A 39 -9.96 -0.69 14.15
C LEU A 39 -9.93 0.33 15.30
N GLN A 40 -9.42 1.54 15.05
CA GLN A 40 -9.36 2.61 16.08
C GLN A 40 -10.79 3.02 16.45
N THR A 41 -11.66 3.13 15.43
CA THR A 41 -13.10 3.50 15.55
C THR A 41 -13.82 2.50 16.46
N LEU A 42 -13.60 1.20 16.23
CA LEU A 42 -14.23 0.12 17.03
C LEU A 42 -13.62 0.10 18.44
N PHE A 43 -12.28 0.18 18.53
CA PHE A 43 -11.52 0.21 19.82
C PHE A 43 -12.12 1.27 20.75
N PHE A 44 -12.41 2.47 20.22
CA PHE A 44 -12.88 3.64 21.01
C PHE A 44 -14.41 3.66 21.11
N THR A 45 -15.08 2.62 20.63
CA THR A 45 -16.48 2.26 21.01
C THR A 45 -16.37 1.43 22.30
N ASN A 46 -16.14 2.10 23.43
CA ASN A 46 -15.67 1.48 24.70
C ASN A 46 -16.62 0.35 25.11
N GLN A 47 -17.92 0.56 25.00
CA GLN A 47 -18.94 -0.47 25.37
C GLN A 47 -18.72 -1.73 24.51
N LEU A 48 -18.43 -1.57 23.22
CA LEU A 48 -18.08 -2.71 22.32
C LEU A 48 -16.77 -3.35 22.80
N ARG A 49 -15.77 -2.53 23.16
CA ARG A 49 -14.41 -3.00 23.58
C ARG A 49 -14.55 -3.94 24.79
N LYS A 50 -15.25 -3.50 25.84
CA LYS A 50 -15.45 -4.27 27.10
C LYS A 50 -16.14 -5.61 26.78
N ALA A 51 -17.20 -5.58 25.97
CA ALA A 51 -17.95 -6.78 25.56
C ALA A 51 -17.02 -7.73 24.78
N VAL A 52 -16.12 -7.17 23.96
CA VAL A 52 -15.14 -7.94 23.13
C VAL A 52 -14.18 -8.67 24.07
N TYR A 53 -13.72 -8.02 25.14
CA TYR A 53 -12.80 -8.61 26.15
C TYR A 53 -13.47 -9.80 26.87
N MET A 54 -14.81 -9.76 27.02
CA MET A 54 -15.58 -10.73 27.86
C MET A 54 -15.93 -12.01 27.08
N MET A 55 -15.61 -12.08 25.79
N MET A 55 -15.62 -12.07 25.78
CA MET A 55 -15.93 -13.24 24.91
CA MET A 55 -15.93 -13.24 24.90
C MET A 55 -15.13 -14.45 25.35
C MET A 55 -15.12 -14.45 25.37
N PRO A 56 -15.76 -15.64 25.51
CA PRO A 56 -15.06 -16.84 25.97
C PRO A 56 -14.23 -17.50 24.85
N THR A 57 -12.96 -17.10 24.72
CA THR A 57 -12.03 -17.51 23.63
C THR A 57 -10.90 -18.39 24.19
N GLU A 58 -11.00 -18.83 25.45
CA GLU A 58 -9.95 -19.62 26.15
C GLU A 58 -9.56 -20.85 25.31
N GLY A 59 -10.53 -21.51 24.68
CA GLY A 59 -10.34 -22.77 23.93
C GLY A 59 -10.25 -22.57 22.42
N ASP A 60 -9.97 -21.34 21.96
CA ASP A 60 -9.93 -20.97 20.52
C ASP A 60 -8.54 -21.23 19.94
N ASP A 61 -8.48 -21.58 18.65
CA ASP A 61 -7.22 -21.68 17.85
C ASP A 61 -6.79 -20.26 17.45
N SER A 62 -5.57 -19.86 17.83
CA SER A 62 -5.04 -18.48 17.66
C SER A 62 -4.95 -18.09 16.17
N SER A 63 -4.64 -19.04 15.29
CA SER A 63 -4.42 -18.81 13.83
C SER A 63 -5.76 -18.55 13.12
N LYS A 64 -6.87 -19.02 13.68
CA LYS A 64 -8.19 -19.08 12.98
C LYS A 64 -9.22 -18.11 13.61
N SER A 65 -9.08 -17.78 14.90
CA SER A 65 -10.10 -17.05 15.70
C SER A 65 -10.04 -15.54 15.41
N VAL A 66 -11.04 -15.02 14.69
CA VAL A 66 -11.28 -13.55 14.50
C VAL A 66 -11.59 -12.92 15.85
N PRO A 67 -12.46 -13.55 16.70
CA PRO A 67 -12.74 -13.03 18.03
C PRO A 67 -11.49 -12.79 18.88
N LEU A 68 -10.62 -13.79 19.01
CA LEU A 68 -9.34 -13.68 19.78
C LEU A 68 -8.45 -12.61 19.13
N ALA A 69 -8.36 -12.62 17.80
CA ALA A 69 -7.53 -11.68 16.99
C ALA A 69 -7.89 -10.22 17.33
N LEU A 70 -9.18 -9.93 17.53
CA LEU A 70 -9.67 -8.56 17.87
C LEU A 70 -9.39 -8.26 19.34
N GLN A 71 -9.51 -9.24 20.23
CA GLN A 71 -9.12 -9.12 21.66
C GLN A 71 -7.64 -8.71 21.74
N ARG A 72 -6.78 -9.35 20.93
CA ARG A 72 -5.31 -9.09 20.90
C ARG A 72 -5.06 -7.63 20.50
N VAL A 73 -5.59 -7.20 19.35
CA VAL A 73 -5.40 -5.82 18.81
C VAL A 73 -5.87 -4.81 19.86
N PHE A 74 -7.05 -5.05 20.45
CA PHE A 74 -7.68 -4.17 21.47
C PHE A 74 -6.80 -4.13 22.73
N TYR A 75 -6.38 -5.29 23.23
CA TYR A 75 -5.45 -5.43 24.39
C TYR A 75 -4.18 -4.62 24.12
N GLU A 76 -3.56 -4.86 22.95
CA GLU A 76 -2.31 -4.18 22.52
C GLU A 76 -2.57 -2.67 22.42
N LEU A 77 -3.70 -2.26 21.82
CA LEU A 77 -4.06 -0.83 21.69
C LEU A 77 -4.24 -0.18 23.07
N GLN A 78 -4.69 -0.96 24.07
CA GLN A 78 -4.95 -0.44 25.45
C GLN A 78 -3.63 -0.33 26.23
N HIS A 79 -2.67 -1.24 26.00
CA HIS A 79 -1.47 -1.45 26.86
C HIS A 79 -0.17 -1.03 26.18
N SER A 80 0.00 -1.29 24.88
CA SER A 80 1.29 -1.14 24.14
C SER A 80 1.72 0.34 24.12
N ASP A 81 3.03 0.57 24.21
CA ASP A 81 3.68 1.91 24.01
C ASP A 81 4.13 2.03 22.55
N LYS A 82 4.15 0.91 21.81
CA LYS A 82 4.70 0.81 20.43
C LYS A 82 3.57 0.56 19.44
N PRO A 83 3.71 1.00 18.18
CA PRO A 83 2.72 0.72 17.14
C PRO A 83 2.29 -0.76 17.11
N VAL A 84 0.98 -1.01 17.03
CA VAL A 84 0.38 -2.37 17.18
C VAL A 84 0.28 -3.03 15.80
N GLY A 85 0.66 -4.31 15.72
CA GLY A 85 0.61 -5.14 14.50
C GLY A 85 -0.73 -5.86 14.39
N THR A 86 -1.13 -6.21 13.16
CA THR A 86 -2.47 -6.76 12.82
C THR A 86 -2.36 -8.01 11.93
N LYS A 87 -1.17 -8.60 11.78
CA LYS A 87 -0.94 -9.74 10.85
C LYS A 87 -1.84 -10.92 11.25
N LYS A 88 -1.92 -11.23 12.55
CA LYS A 88 -2.73 -12.36 13.08
C LYS A 88 -4.22 -12.12 12.80
N LEU A 89 -4.64 -10.84 12.76
CA LEU A 89 -6.06 -10.46 12.51
C LEU A 89 -6.39 -10.65 11.01
N THR A 90 -5.58 -10.09 10.11
CA THR A 90 -5.77 -10.22 8.63
C THR A 90 -5.78 -11.72 8.28
N LYS A 91 -4.86 -12.48 8.87
CA LYS A 91 -4.76 -13.97 8.77
C LYS A 91 -6.10 -14.60 9.18
N SER A 92 -6.69 -14.18 10.31
CA SER A 92 -7.86 -14.81 10.97
C SER A 92 -9.13 -14.74 10.09
N PHE A 93 -9.34 -13.64 9.33
CA PHE A 93 -10.50 -13.52 8.39
C PHE A 93 -10.02 -13.67 6.94
N GLY A 94 -8.74 -13.98 6.73
CA GLY A 94 -8.20 -14.50 5.46
C GLY A 94 -8.17 -13.47 4.33
N TRP A 95 -7.96 -12.19 4.64
CA TRP A 95 -7.66 -11.12 3.64
C TRP A 95 -6.15 -10.89 3.64
N GLU A 96 -5.40 -11.74 2.94
CA GLU A 96 -3.91 -11.82 3.03
C GLU A 96 -3.23 -11.45 1.71
N THR A 97 -3.96 -11.35 0.59
CA THR A 97 -3.37 -11.07 -0.76
C THR A 97 -3.02 -9.58 -0.87
N LEU A 98 -2.19 -9.22 -1.85
CA LEU A 98 -1.72 -7.84 -2.08
C LEU A 98 -2.90 -6.86 -2.11
N ASP A 99 -3.97 -7.22 -2.83
CA ASP A 99 -5.10 -6.30 -3.16
C ASP A 99 -6.40 -6.74 -2.50
N SER A 100 -6.34 -7.59 -1.46
CA SER A 100 -7.55 -8.16 -0.80
C SER A 100 -8.42 -7.02 -0.25
N PHE A 101 -7.84 -6.02 0.42
CA PHE A 101 -8.59 -4.89 1.01
C PHE A 101 -9.06 -3.93 -0.08
N MET A 102 -8.33 -3.85 -1.20
CA MET A 102 -8.69 -2.98 -2.35
C MET A 102 -9.94 -3.52 -3.07
N GLN A 103 -10.23 -4.82 -2.94
CA GLN A 103 -11.40 -5.48 -3.60
C GLN A 103 -12.66 -5.33 -2.74
N HIS A 104 -12.54 -4.88 -1.49
CA HIS A 104 -13.67 -4.70 -0.53
C HIS A 104 -13.76 -3.24 -0.10
N ASP A 105 -14.84 -2.87 0.61
CA ASP A 105 -15.03 -1.52 1.20
C ASP A 105 -15.17 -1.65 2.72
N VAL A 106 -15.24 -0.52 3.43
CA VAL A 106 -15.13 -0.48 4.91
C VAL A 106 -16.33 -1.19 5.55
N GLN A 107 -17.55 -0.98 5.04
CA GLN A 107 -18.79 -1.58 5.62
C GLN A 107 -18.70 -3.11 5.52
N GLU A 108 -18.11 -3.65 4.45
CA GLU A 108 -17.90 -5.12 4.26
C GLU A 108 -16.98 -5.64 5.36
N LEU A 109 -15.88 -4.92 5.65
CA LEU A 109 -14.93 -5.31 6.72
C LEU A 109 -15.63 -5.24 8.07
N CYS A 110 -16.35 -4.14 8.34
CA CYS A 110 -17.05 -3.90 9.62
C CYS A 110 -18.06 -5.04 9.89
N ARG A 111 -18.76 -5.50 8.85
CA ARG A 111 -19.75 -6.62 8.93
C ARG A 111 -19.04 -7.92 9.35
N VAL A 112 -17.90 -8.26 8.74
CA VAL A 112 -17.11 -9.49 9.04
C VAL A 112 -16.73 -9.48 10.53
N LEU A 113 -16.08 -8.40 10.99
CA LEU A 113 -15.58 -8.26 12.39
C LEU A 113 -16.75 -8.32 13.38
N LEU A 114 -17.83 -7.59 13.12
CA LEU A 114 -18.98 -7.45 14.07
C LEU A 114 -19.81 -8.73 14.10
N ASP A 115 -19.95 -9.44 12.97
CA ASP A 115 -20.69 -10.73 12.90
C ASP A 115 -19.96 -11.77 13.75
N ASN A 116 -18.65 -11.96 13.50
CA ASN A 116 -17.77 -12.90 14.25
C ASN A 116 -17.88 -12.62 15.75
N VAL A 117 -17.84 -11.35 16.15
CA VAL A 117 -17.85 -10.90 17.58
C VAL A 117 -19.25 -11.10 18.17
N GLU A 118 -20.31 -10.96 17.35
CA GLU A 118 -21.73 -11.11 17.77
C GLU A 118 -22.02 -12.59 18.06
N ASN A 119 -21.44 -13.51 17.28
CA ASN A 119 -21.61 -14.98 17.43
C ASN A 119 -21.04 -15.43 18.77
N LYS A 120 -19.78 -15.09 19.06
CA LYS A 120 -19.03 -15.51 20.26
C LYS A 120 -19.70 -14.98 21.54
N MET A 121 -20.48 -13.90 21.45
CA MET A 121 -21.14 -13.26 22.62
C MET A 121 -22.43 -14.01 23.01
N LYS A 122 -22.86 -15.00 22.22
CA LYS A 122 -24.05 -15.84 22.53
C LYS A 122 -23.79 -16.62 23.82
N GLY A 123 -24.76 -16.60 24.75
CA GLY A 123 -24.71 -17.33 26.03
C GLY A 123 -23.82 -16.65 27.06
N THR A 124 -23.55 -15.36 26.90
CA THR A 124 -22.67 -14.54 27.79
C THR A 124 -23.44 -13.31 28.29
N CYS A 125 -22.90 -12.63 29.32
CA CYS A 125 -23.49 -11.45 29.99
C CYS A 125 -23.59 -10.25 29.04
N VAL A 126 -22.97 -10.31 27.86
CA VAL A 126 -22.90 -9.20 26.87
C VAL A 126 -23.53 -9.65 25.54
N GLU A 127 -24.35 -10.71 25.55
CA GLU A 127 -25.10 -11.18 24.36
C GLU A 127 -25.99 -10.04 23.85
N GLY A 128 -26.05 -9.87 22.53
CA GLY A 128 -26.82 -8.81 21.86
C GLY A 128 -26.23 -7.42 22.07
N THR A 129 -24.92 -7.32 22.35
CA THR A 129 -24.21 -6.03 22.46
C THR A 129 -24.17 -5.35 21.08
N ILE A 130 -23.94 -6.13 20.01
CA ILE A 130 -23.78 -5.58 18.62
C ILE A 130 -25.12 -4.97 18.18
N PRO A 131 -26.25 -5.72 18.19
CA PRO A 131 -27.56 -5.14 17.90
C PRO A 131 -27.92 -3.91 18.75
N LYS A 132 -27.69 -4.01 20.06
CA LYS A 132 -27.98 -2.92 21.04
C LYS A 132 -27.26 -1.63 20.58
N LEU A 133 -25.99 -1.74 20.16
CA LEU A 133 -25.12 -0.58 19.83
C LEU A 133 -25.37 -0.09 18.40
N PHE A 134 -25.48 -0.99 17.43
CA PHE A 134 -25.31 -0.69 15.98
C PHE A 134 -26.60 -0.90 15.15
N ARG A 135 -27.54 -1.73 15.62
CA ARG A 135 -28.70 -2.17 14.81
C ARG A 135 -29.85 -1.18 14.95
N GLY A 136 -30.39 -0.71 13.82
CA GLY A 136 -31.61 0.11 13.74
C GLY A 136 -32.70 -0.59 12.95
N LYS A 137 -33.92 -0.05 12.98
CA LYS A 137 -35.10 -0.57 12.25
C LYS A 137 -35.58 0.48 11.25
N MET A 138 -35.86 0.05 10.02
CA MET A 138 -36.56 0.87 9.00
C MET A 138 -37.65 0.02 8.34
N VAL A 139 -38.65 0.68 7.75
CA VAL A 139 -39.75 0.00 7.00
C VAL A 139 -39.57 0.33 5.51
N SER A 140 -39.39 -0.72 4.69
CA SER A 140 -39.46 -0.66 3.21
C SER A 140 -40.90 -0.91 2.79
N TYR A 141 -41.52 0.04 2.07
CA TYR A 141 -42.94 -0.02 1.65
C TYR A 141 -43.03 0.05 0.11
N ILE A 142 -44.04 -0.61 -0.45
CA ILE A 142 -44.58 -0.37 -1.81
C ILE A 142 -46.09 -0.12 -1.66
N GLN A 143 -46.55 1.07 -2.07
CA GLN A 143 -47.97 1.52 -2.00
C GLN A 143 -48.48 1.74 -3.44
N CYS A 144 -49.47 0.94 -3.86
CA CYS A 144 -50.17 1.12 -5.16
C CYS A 144 -50.99 2.41 -5.12
N LYS A 145 -51.04 3.12 -6.24
CA LYS A 145 -51.69 4.46 -6.37
C LYS A 145 -53.18 4.29 -6.69
N GLU A 146 -53.53 3.38 -7.62
CA GLU A 146 -54.88 3.26 -8.23
C GLU A 146 -55.67 2.09 -7.62
N VAL A 147 -55.03 1.21 -6.85
CA VAL A 147 -55.69 0.07 -6.15
C VAL A 147 -55.29 0.10 -4.66
N ASP A 148 -56.19 -0.36 -3.78
CA ASP A 148 -55.95 -0.42 -2.31
C ASP A 148 -55.11 -1.67 -2.02
N TYR A 149 -53.80 -1.57 -2.25
CA TYR A 149 -52.78 -2.58 -1.85
C TYR A 149 -51.51 -1.86 -1.38
N ARG A 150 -50.96 -2.33 -0.25
CA ARG A 150 -49.69 -1.85 0.35
C ARG A 150 -48.91 -3.06 0.87
N SER A 151 -47.59 -3.08 0.66
CA SER A 151 -46.65 -4.10 1.21
C SER A 151 -45.63 -3.40 2.11
N ASP A 152 -45.70 -3.66 3.42
CA ASP A 152 -44.78 -3.11 4.46
C ASP A 152 -43.93 -4.27 4.99
N ARG A 153 -42.59 -4.16 4.87
CA ARG A 153 -41.61 -5.14 5.42
C ARG A 153 -40.62 -4.38 6.32
N ARG A 154 -40.50 -4.80 7.58
CA ARG A 154 -39.51 -4.27 8.55
C ARG A 154 -38.13 -4.82 8.18
N GLU A 155 -37.12 -3.93 8.08
CA GLU A 155 -35.71 -4.28 7.77
C GLU A 155 -34.81 -3.82 8.91
N ASP A 156 -33.82 -4.64 9.27
CA ASP A 156 -32.70 -4.28 10.18
C ASP A 156 -31.53 -3.75 9.34
N TYR A 157 -30.82 -2.75 9.87
CA TYR A 157 -29.58 -2.20 9.28
C TYR A 157 -28.57 -1.96 10.40
N TYR A 158 -27.28 -2.17 10.12
CA TYR A 158 -26.15 -1.89 11.04
C TYR A 158 -25.35 -0.66 10.56
N ASP A 159 -25.68 -0.15 9.37
CA ASP A 159 -24.95 0.96 8.70
C ASP A 159 -25.85 1.56 7.62
N ILE A 160 -25.56 2.80 7.22
CA ILE A 160 -26.31 3.54 6.16
C ILE A 160 -25.32 4.01 5.09
N GLN A 161 -25.56 3.62 3.85
CA GLN A 161 -24.84 4.12 2.65
C GLN A 161 -25.60 5.37 2.15
N LEU A 162 -25.03 6.56 2.36
CA LEU A 162 -25.63 7.87 2.01
C LEU A 162 -25.06 8.34 0.66
N SER A 163 -25.93 8.61 -0.31
CA SER A 163 -25.58 9.24 -1.61
C SER A 163 -25.08 10.67 -1.36
N ILE A 164 -23.92 11.04 -1.90
CA ILE A 164 -23.31 12.40 -1.72
C ILE A 164 -23.22 13.14 -3.08
N LYS A 165 -23.34 12.43 -4.21
CA LYS A 165 -23.18 13.04 -5.56
C LYS A 165 -24.35 14.00 -5.81
N GLY A 166 -24.06 15.29 -6.03
CA GLY A 166 -25.07 16.35 -6.22
C GLY A 166 -25.77 16.74 -4.92
N LYS A 167 -25.21 16.33 -3.77
CA LYS A 167 -25.73 16.70 -2.41
C LYS A 167 -24.67 17.58 -1.73
N LYS A 168 -25.12 18.62 -1.02
CA LYS A 168 -24.24 19.62 -0.36
C LYS A 168 -23.86 19.14 1.05
N ASN A 169 -24.77 18.43 1.74
CA ASN A 169 -24.65 18.13 3.19
C ASN A 169 -25.38 16.83 3.54
N ILE A 170 -25.21 16.37 4.79
CA ILE A 170 -25.81 15.11 5.36
C ILE A 170 -27.34 15.21 5.32
N PHE A 171 -27.91 16.38 5.59
CA PHE A 171 -29.38 16.62 5.60
C PHE A 171 -29.95 16.20 4.24
N GLU A 172 -29.40 16.74 3.15
CA GLU A 172 -29.85 16.47 1.75
C GLU A 172 -29.69 14.98 1.42
N SER A 173 -28.65 14.31 1.94
CA SER A 173 -28.44 12.85 1.77
C SER A 173 -29.60 12.08 2.40
N PHE A 174 -29.94 12.38 3.65
CA PHE A 174 -31.04 11.72 4.41
C PHE A 174 -32.38 11.98 3.72
N VAL A 175 -32.57 13.18 3.16
CA VAL A 175 -33.77 13.57 2.38
C VAL A 175 -33.86 12.67 1.13
N ASP A 176 -32.72 12.47 0.45
CA ASP A 176 -32.62 11.62 -0.77
C ASP A 176 -32.88 10.16 -0.41
N TYR A 177 -32.44 9.72 0.77
CA TYR A 177 -32.51 8.31 1.24
C TYR A 177 -33.97 7.90 1.45
N VAL A 178 -34.80 8.82 1.97
CA VAL A 178 -36.23 8.56 2.33
C VAL A 178 -37.16 9.15 1.26
N ALA A 179 -36.61 9.60 0.13
CA ALA A 179 -37.37 10.14 -1.03
C ALA A 179 -38.17 8.99 -1.68
N VAL A 180 -39.39 9.29 -2.13
CA VAL A 180 -40.34 8.32 -2.76
C VAL A 180 -39.89 8.08 -4.21
N GLU A 181 -39.69 6.82 -4.58
CA GLU A 181 -39.40 6.36 -5.97
C GLU A 181 -40.72 5.96 -6.64
N GLN A 182 -40.95 6.41 -7.88
CA GLN A 182 -42.16 6.11 -8.67
C GLN A 182 -41.92 4.85 -9.51
N LEU A 183 -42.87 3.92 -9.49
CA LEU A 183 -42.89 2.71 -10.35
C LEU A 183 -43.97 2.90 -11.43
N ASP A 184 -43.56 3.38 -12.61
CA ASP A 184 -44.46 3.79 -13.73
C ASP A 184 -44.03 3.12 -15.03
N GLY A 185 -44.86 3.23 -16.07
CA GLY A 185 -44.57 2.82 -17.46
C GLY A 185 -44.16 1.35 -17.54
N ASP A 186 -42.93 1.09 -17.96
CA ASP A 186 -42.34 -0.27 -18.13
C ASP A 186 -41.88 -0.81 -16.76
N ASN A 187 -41.82 0.06 -15.73
CA ASN A 187 -41.26 -0.25 -14.39
C ASN A 187 -42.40 -0.42 -13.38
N LYS A 188 -43.59 -0.84 -13.83
CA LYS A 188 -44.78 -1.04 -12.97
C LYS A 188 -44.53 -2.21 -12.00
N TYR A 189 -45.11 -2.13 -10.80
CA TYR A 189 -44.98 -3.13 -9.71
C TYR A 189 -45.99 -4.27 -9.93
N ASP A 190 -45.52 -5.52 -9.87
CA ASP A 190 -46.36 -6.74 -9.92
C ASP A 190 -47.18 -6.83 -8.63
N ALA A 191 -48.44 -6.38 -8.66
CA ALA A 191 -49.36 -6.35 -7.49
C ALA A 191 -50.22 -7.62 -7.42
N GLY A 192 -49.74 -8.73 -8.00
CA GLY A 192 -50.36 -10.06 -7.90
C GLY A 192 -51.72 -10.10 -8.57
N GLU A 193 -52.79 -10.19 -7.76
CA GLU A 193 -54.21 -10.27 -8.21
C GLU A 193 -54.57 -9.06 -9.07
N HIS A 194 -54.03 -7.88 -8.75
CA HIS A 194 -54.36 -6.58 -9.39
C HIS A 194 -53.54 -6.38 -10.68
N GLY A 195 -52.70 -7.36 -11.03
CA GLY A 195 -51.79 -7.29 -12.20
C GLY A 195 -50.71 -6.26 -11.99
N LEU A 196 -50.05 -5.82 -13.08
CA LEU A 196 -49.05 -4.72 -13.07
C LEU A 196 -49.76 -3.42 -12.67
N GLN A 197 -49.17 -2.66 -11.76
CA GLN A 197 -49.79 -1.45 -11.14
C GLN A 197 -48.74 -0.35 -10.96
N GLU A 198 -49.14 0.91 -11.17
CA GLU A 198 -48.37 2.11 -10.78
C GLU A 198 -48.34 2.18 -9.25
N ALA A 199 -47.15 2.31 -8.66
CA ALA A 199 -46.94 2.28 -7.19
C ALA A 199 -45.80 3.23 -6.80
N GLU A 200 -45.76 3.58 -5.51
CA GLU A 200 -44.69 4.38 -4.87
C GLU A 200 -43.86 3.45 -3.97
N LYS A 201 -42.53 3.52 -4.07
CA LYS A 201 -41.58 2.70 -3.29
C LYS A 201 -40.63 3.62 -2.52
N GLY A 202 -40.45 3.38 -1.21
CA GLY A 202 -39.52 4.15 -0.36
C GLY A 202 -39.17 3.43 0.92
N VAL A 203 -38.39 4.08 1.78
CA VAL A 203 -38.06 3.60 3.15
C VAL A 203 -38.36 4.72 4.14
N LYS A 204 -38.75 4.36 5.37
CA LYS A 204 -38.85 5.27 6.54
C LYS A 204 -37.98 4.68 7.66
N PHE A 205 -37.42 5.54 8.53
CA PHE A 205 -36.68 5.11 9.74
C PHE A 205 -37.69 4.95 10.89
N LEU A 206 -37.64 3.79 11.57
CA LEU A 206 -38.42 3.50 12.80
C LEU A 206 -37.54 3.79 14.02
N THR A 207 -36.30 3.30 14.02
CA THR A 207 -35.29 3.57 15.07
C THR A 207 -33.93 3.93 14.44
N LEU A 208 -33.17 4.79 15.11
CA LEU A 208 -31.74 5.06 14.85
C LEU A 208 -30.94 4.49 16.03
N PRO A 209 -29.84 3.75 15.79
CA PRO A 209 -29.13 3.05 16.85
C PRO A 209 -28.25 3.99 17.67
N PRO A 210 -27.83 3.59 18.90
CA PRO A 210 -26.92 4.40 19.70
C PRO A 210 -25.63 4.81 18.96
N VAL A 211 -25.04 3.87 18.22
CA VAL A 211 -23.81 4.10 17.39
C VAL A 211 -24.20 4.01 15.91
N LEU A 212 -24.15 5.16 15.23
CA LEU A 212 -24.61 5.35 13.83
C LEU A 212 -23.40 5.33 12.88
N HIS A 213 -23.29 4.30 12.04
CA HIS A 213 -22.23 4.13 11.02
C HIS A 213 -22.75 4.62 9.66
N LEU A 214 -22.26 5.77 9.19
CA LEU A 214 -22.66 6.39 7.90
C LEU A 214 -21.49 6.32 6.92
N GLN A 215 -21.62 5.52 5.85
CA GLN A 215 -20.66 5.54 4.72
C GLN A 215 -21.13 6.59 3.71
N LEU A 216 -20.20 7.43 3.25
CA LEU A 216 -20.44 8.46 2.22
C LEU A 216 -19.97 7.87 0.88
N MET A 217 -20.89 7.71 -0.07
CA MET A 217 -20.65 6.96 -1.33
C MET A 217 -19.86 7.85 -2.31
N ARG A 218 -18.60 8.14 -1.96
CA ARG A 218 -17.61 8.79 -2.84
C ARG A 218 -17.05 7.76 -3.84
N PHE A 219 -16.79 6.53 -3.36
CA PHE A 219 -16.27 5.40 -4.18
C PHE A 219 -17.46 4.62 -4.76
N MET A 220 -17.64 4.68 -6.09
CA MET A 220 -18.78 4.05 -6.82
C MET A 220 -18.29 3.44 -8.13
N TYR A 221 -19.13 2.63 -8.78
CA TYR A 221 -18.87 1.95 -10.07
C TYR A 221 -19.28 2.86 -11.22
N GLN A 224 -20.88 3.13 -17.21
CA GLN A 224 -20.05 3.15 -18.45
C GLN A 224 -18.59 3.46 -18.09
N THR A 225 -17.67 3.06 -18.97
CA THR A 225 -16.18 3.16 -18.85
C THR A 225 -15.62 1.95 -18.09
N ASP A 226 -16.48 1.16 -17.43
CA ASP A 226 -16.10 -0.03 -16.61
C ASP A 226 -14.96 0.37 -15.66
N GLN A 227 -15.26 1.25 -14.70
CA GLN A 227 -14.26 1.84 -13.77
C GLN A 227 -14.91 2.17 -12.42
N ASN A 228 -14.21 1.88 -11.33
CA ASN A 228 -14.50 2.37 -9.96
C ASN A 228 -13.89 3.77 -9.83
N ILE A 229 -14.69 4.77 -9.47
CA ILE A 229 -14.29 6.21 -9.42
C ILE A 229 -14.46 6.73 -7.98
N LYS A 230 -13.72 7.78 -7.62
CA LYS A 230 -13.87 8.51 -6.34
C LYS A 230 -14.35 9.93 -6.62
N ILE A 231 -15.52 10.28 -6.11
CA ILE A 231 -16.10 11.66 -6.16
C ILE A 231 -15.46 12.48 -5.03
N ASN A 232 -14.76 13.56 -5.38
CA ASN A 232 -14.00 14.42 -4.44
C ASN A 232 -14.75 15.75 -4.22
N ASP A 233 -16.05 15.79 -4.51
CA ASP A 233 -16.90 17.00 -4.41
C ASP A 233 -17.08 17.38 -2.94
N ARG A 234 -17.26 18.68 -2.67
CA ARG A 234 -17.54 19.20 -1.31
C ARG A 234 -18.79 18.49 -0.76
N PHE A 235 -18.69 18.00 0.48
CA PHE A 235 -19.83 17.39 1.24
C PHE A 235 -19.65 17.73 2.72
N GLU A 236 -20.58 18.54 3.25
CA GLU A 236 -20.54 19.09 4.63
C GLU A 236 -21.27 18.13 5.57
N PHE A 237 -20.69 17.89 6.74
CA PHE A 237 -21.32 17.14 7.87
C PHE A 237 -21.08 17.94 9.15
N PRO A 238 -22.09 18.07 10.04
CA PRO A 238 -21.95 18.87 11.26
C PRO A 238 -21.43 18.07 12.46
N GLU A 239 -20.94 18.80 13.46
CA GLU A 239 -20.52 18.25 14.79
C GLU A 239 -21.73 17.60 15.47
N GLN A 240 -22.87 18.30 15.48
CA GLN A 240 -24.15 17.83 16.08
C GLN A 240 -25.18 17.63 14.96
N LEU A 241 -25.81 16.46 14.91
CA LEU A 241 -26.70 16.02 13.79
C LEU A 241 -28.07 15.64 14.34
N PRO A 242 -29.12 16.49 14.14
CA PRO A 242 -30.48 16.15 14.55
C PRO A 242 -31.22 15.36 13.44
N LEU A 243 -31.74 14.17 13.77
CA LEU A 243 -32.36 13.25 12.78
C LEU A 243 -33.84 12.96 13.12
N ASP A 244 -34.40 13.63 14.15
CA ASP A 244 -35.81 13.42 14.59
C ASP A 244 -36.76 13.50 13.39
N GLU A 245 -36.53 14.47 12.49
CA GLU A 245 -37.44 14.77 11.34
C GLU A 245 -37.43 13.63 10.31
N PHE A 246 -36.55 12.63 10.44
CA PHE A 246 -36.45 11.47 9.52
C PHE A 246 -37.02 10.21 10.18
N LEU A 247 -37.54 10.31 11.41
CA LEU A 247 -38.22 9.21 12.14
C LEU A 247 -39.73 9.27 11.86
N GLN A 248 -40.36 8.11 11.66
CA GLN A 248 -41.83 7.96 11.49
C GLN A 248 -42.53 8.52 12.73
N LYS A 249 -42.05 8.13 13.93
CA LYS A 249 -42.59 8.59 15.24
C LYS A 249 -41.42 8.92 16.18
N THR A 250 -41.31 10.19 16.62
CA THR A 250 -40.22 10.71 17.50
C THR A 250 -40.62 10.55 18.97
N ASP A 251 -39.63 10.37 19.85
CA ASP A 251 -39.81 10.25 21.32
C ASP A 251 -39.38 11.57 21.97
N PRO A 252 -40.28 12.30 22.67
CA PRO A 252 -39.91 13.53 23.37
C PRO A 252 -38.85 13.34 24.47
N LYS A 253 -38.83 12.16 25.12
CA LYS A 253 -37.86 11.81 26.19
C LYS A 253 -36.47 11.57 25.60
N ASP A 254 -36.39 11.01 24.38
CA ASP A 254 -35.13 10.61 23.70
C ASP A 254 -35.14 11.09 22.26
N PRO A 255 -34.83 12.39 22.00
CA PRO A 255 -34.67 12.87 20.63
C PRO A 255 -33.44 12.26 19.94
N ALA A 256 -33.49 12.15 18.61
CA ALA A 256 -32.42 11.59 17.75
C ALA A 256 -31.37 12.67 17.44
N ASN A 257 -30.73 13.21 18.49
CA ASN A 257 -29.58 14.15 18.38
C ASN A 257 -28.28 13.34 18.48
N TYR A 258 -27.44 13.42 17.45
CA TYR A 258 -26.21 12.59 17.29
C TYR A 258 -24.98 13.49 17.37
N ILE A 259 -23.92 12.99 18.02
CA ILE A 259 -22.61 13.66 18.26
C ILE A 259 -21.56 12.97 17.38
N LEU A 260 -20.83 13.76 16.58
CA LEU A 260 -19.75 13.25 15.68
C LEU A 260 -18.62 12.68 16.54
N HIS A 261 -18.29 11.41 16.34
CA HIS A 261 -17.26 10.66 17.11
C HIS A 261 -16.02 10.41 16.25
N ALA A 262 -16.19 10.00 14.99
CA ALA A 262 -15.10 9.57 14.08
C ALA A 262 -15.33 10.14 12.67
N VAL A 263 -14.24 10.54 12.01
CA VAL A 263 -14.19 10.95 10.58
C VAL A 263 -13.08 10.14 9.89
N LEU A 264 -13.47 9.13 9.10
CA LEU A 264 -12.54 8.27 8.33
C LEU A 264 -12.27 8.95 6.98
N VAL A 265 -11.00 9.32 6.75
CA VAL A 265 -10.56 10.22 5.65
C VAL A 265 -9.71 9.43 4.65
N HIS A 266 -9.94 9.65 3.35
CA HIS A 266 -9.06 9.20 2.24
C HIS A 266 -8.50 10.41 1.51
N SER A 267 -7.17 10.46 1.32
CA SER A 267 -6.45 11.46 0.51
C SER A 267 -5.99 10.82 -0.81
N GLY A 268 -6.57 11.25 -1.93
CA GLY A 268 -6.16 10.84 -3.28
C GLY A 268 -7.35 10.59 -4.19
N ASP A 269 -7.24 9.60 -5.09
CA ASP A 269 -8.22 9.29 -6.15
C ASP A 269 -8.65 7.81 -6.05
N ASN A 270 -9.43 7.34 -7.01
CA ASN A 270 -10.03 5.97 -7.04
C ASN A 270 -8.93 4.89 -6.94
N HIS A 271 -7.85 5.02 -7.71
CA HIS A 271 -6.86 3.94 -7.93
C HIS A 271 -6.08 3.65 -6.64
N GLY A 272 -5.60 4.68 -5.93
CA GLY A 272 -4.84 4.54 -4.67
C GLY A 272 -4.96 5.77 -3.80
N GLY A 273 -4.24 5.81 -2.66
CA GLY A 273 -4.17 6.99 -1.78
C GLY A 273 -3.84 6.63 -0.34
N HIS A 274 -3.97 7.62 0.55
CA HIS A 274 -3.61 7.54 1.99
C HIS A 274 -4.87 7.59 2.87
N TYR A 275 -4.97 6.66 3.82
CA TYR A 275 -6.14 6.49 4.74
C TYR A 275 -5.77 6.97 6.14
N VAL A 276 -6.68 7.70 6.78
CA VAL A 276 -6.50 8.34 8.11
C VAL A 276 -7.87 8.41 8.81
N VAL A 277 -7.88 8.42 10.15
CA VAL A 277 -9.13 8.56 10.96
C VAL A 277 -8.91 9.66 12.02
N TYR A 278 -9.85 10.60 12.08
CA TYR A 278 -9.96 11.63 13.13
C TYR A 278 -11.01 11.17 14.14
N LEU A 279 -10.66 11.15 15.43
CA LEU A 279 -11.55 10.75 16.55
C LEU A 279 -11.46 11.79 17.67
N ASN A 280 -12.57 12.03 18.36
CA ASN A 280 -12.59 12.64 19.72
C ASN A 280 -13.06 11.55 20.68
N PRO A 281 -12.15 10.63 21.08
CA PRO A 281 -12.53 9.39 21.76
C PRO A 281 -13.50 9.49 22.96
N LYS A 282 -13.41 10.58 23.72
CA LYS A 282 -14.22 10.79 24.96
C LYS A 282 -15.54 11.50 24.61
N GLY A 283 -15.70 11.94 23.36
CA GLY A 283 -16.91 12.66 22.89
C GLY A 283 -16.97 14.08 23.45
N ASP A 284 -15.81 14.66 23.76
CA ASP A 284 -15.68 15.95 24.51
C ASP A 284 -15.19 17.07 23.57
N GLY A 285 -14.96 16.77 22.28
CA GLY A 285 -14.51 17.75 21.28
C GLY A 285 -13.00 17.94 21.26
N LYS A 286 -12.25 17.07 21.95
CA LYS A 286 -10.76 17.05 21.91
C LYS A 286 -10.34 16.01 20.86
N TRP A 287 -9.97 16.46 19.66
CA TRP A 287 -9.75 15.59 18.48
C TRP A 287 -8.28 15.14 18.40
N CYS A 288 -8.08 13.89 17.97
CA CYS A 288 -6.76 13.33 17.58
C CYS A 288 -6.85 12.81 16.14
N LYS A 289 -5.73 12.90 15.42
CA LYS A 289 -5.51 12.28 14.08
C LYS A 289 -4.74 10.98 14.30
N PHE A 290 -5.26 9.86 13.77
CA PHE A 290 -4.64 8.52 13.81
C PHE A 290 -4.16 8.15 12.40
N ASP A 291 -2.84 8.20 12.19
CA ASP A 291 -2.18 8.01 10.88
C ASP A 291 -1.23 6.81 10.99
N ASP A 292 -1.81 5.60 10.97
CA ASP A 292 -1.08 4.32 11.21
C ASP A 292 -0.35 4.43 12.56
N ASP A 293 0.99 4.53 12.56
CA ASP A 293 1.82 4.48 13.79
C ASP A 293 1.86 5.85 14.49
N VAL A 294 1.44 6.92 13.82
CA VAL A 294 1.55 8.33 14.33
C VAL A 294 0.18 8.83 14.77
N VAL A 295 0.02 9.06 16.08
CA VAL A 295 -1.17 9.72 16.70
C VAL A 295 -0.75 11.09 17.22
N SER A 296 -1.44 12.15 16.77
CA SER A 296 -1.18 13.56 17.16
C SER A 296 -2.50 14.26 17.50
N ARG A 297 -2.46 15.23 18.40
CA ARG A 297 -3.58 16.16 18.68
C ARG A 297 -3.77 17.05 17.44
N CYS A 298 -5.01 17.41 17.13
CA CYS A 298 -5.38 18.30 16.00
C CYS A 298 -6.55 19.19 16.43
N THR A 299 -6.80 20.25 15.66
CA THR A 299 -7.94 21.18 15.83
C THR A 299 -9.23 20.48 15.38
N LYS A 300 -10.36 20.92 15.95
CA LYS A 300 -11.74 20.52 15.53
C LYS A 300 -11.90 20.79 14.03
N GLU A 301 -11.39 21.94 13.56
CA GLU A 301 -11.50 22.40 12.15
C GLU A 301 -10.83 21.37 11.22
N GLU A 302 -9.65 20.87 11.60
CA GLU A 302 -8.88 19.88 10.79
C GLU A 302 -9.68 18.57 10.69
N ALA A 303 -10.30 18.13 11.78
CA ALA A 303 -11.10 16.88 11.89
C ALA A 303 -12.37 16.96 11.04
N ILE A 304 -13.07 18.10 11.07
CA ILE A 304 -14.43 18.25 10.48
C ILE A 304 -14.33 19.01 9.15
N GLU A 305 -14.25 20.35 9.21
CA GLU A 305 -14.42 21.25 8.04
C GLU A 305 -13.39 20.93 6.95
N HIS A 306 -12.14 20.65 7.32
CA HIS A 306 -11.00 20.43 6.38
C HIS A 306 -11.18 19.12 5.61
N ASN A 307 -12.14 18.27 6.02
CA ASN A 307 -12.41 16.95 5.38
C ASN A 307 -13.73 17.01 4.60
N TYR A 308 -14.18 18.21 4.26
CA TYR A 308 -15.40 18.46 3.44
C TYR A 308 -15.09 18.19 1.97
N GLY A 309 -13.84 18.44 1.55
CA GLY A 309 -13.36 18.24 0.18
C GLY A 309 -13.76 19.40 -0.71
N GLY A 310 -13.62 19.25 -2.03
CA GLY A 310 -13.99 20.26 -3.04
C GLY A 310 -12.82 21.17 -3.38
N HIS A 311 -13.09 22.25 -4.13
CA HIS A 311 -12.11 23.27 -4.59
C HIS A 311 -12.44 24.62 -3.97
N CYS A 320 -8.76 16.81 -2.72
CA CYS A 320 -8.95 15.34 -2.78
C CYS A 320 -8.72 14.68 -1.40
N THR A 321 -8.69 15.45 -0.31
CA THR A 321 -8.67 14.95 1.09
C THR A 321 -10.05 15.17 1.70
N ASN A 322 -10.81 14.09 1.95
CA ASN A 322 -12.24 14.18 2.32
C ASN A 322 -12.67 12.92 3.08
N ALA A 323 -13.80 13.02 3.79
CA ALA A 323 -14.43 11.93 4.57
C ALA A 323 -15.15 10.97 3.63
N TYR A 324 -15.05 9.66 3.88
CA TYR A 324 -15.83 8.59 3.19
C TYR A 324 -16.70 7.81 4.18
N MET A 325 -16.47 7.95 5.50
CA MET A 325 -17.30 7.31 6.57
C MET A 325 -17.34 8.21 7.82
N LEU A 326 -18.52 8.34 8.42
CA LEU A 326 -18.75 9.12 9.67
C LEU A 326 -19.37 8.18 10.72
N VAL A 327 -18.89 8.27 11.96
CA VAL A 327 -19.53 7.62 13.14
C VAL A 327 -20.13 8.73 14.02
N TYR A 328 -21.42 8.58 14.32
CA TYR A 328 -22.16 9.43 15.27
C TYR A 328 -22.64 8.55 16.42
N ILE A 329 -22.65 9.11 17.63
CA ILE A 329 -23.23 8.46 18.85
C ILE A 329 -24.39 9.33 19.34
N ARG A 330 -25.55 8.72 19.60
CA ARG A 330 -26.76 9.39 20.15
C ARG A 330 -26.38 10.07 21.47
N GLU A 331 -26.71 11.36 21.62
CA GLU A 331 -26.30 12.22 22.76
C GLU A 331 -26.71 11.56 24.09
N SER A 332 -27.88 10.93 24.14
CA SER A 332 -28.46 10.29 25.35
C SER A 332 -27.67 9.03 25.73
N LYS A 333 -26.90 8.45 24.80
CA LYS A 333 -26.17 7.18 25.01
C LYS A 333 -24.66 7.41 25.04
N LEU A 334 -24.20 8.66 24.92
CA LEU A 334 -22.76 9.00 24.77
C LEU A 334 -21.96 8.44 25.96
N SER A 335 -22.35 8.78 27.20
CA SER A 335 -21.61 8.43 28.43
C SER A 335 -21.56 6.90 28.63
N GLU A 336 -22.62 6.17 28.26
CA GLU A 336 -22.70 4.69 28.38
C GLU A 336 -21.83 4.04 27.29
N VAL A 337 -21.96 4.51 26.05
CA VAL A 337 -21.19 4.00 24.87
C VAL A 337 -19.69 4.21 25.14
N LEU A 338 -19.32 5.42 25.60
CA LEU A 338 -17.92 5.82 25.90
C LEU A 338 -17.63 5.63 27.40
N GLN A 339 -18.26 4.64 28.05
CA GLN A 339 -18.00 4.31 29.48
C GLN A 339 -16.51 3.96 29.65
N ALA A 340 -15.86 4.52 30.67
CA ALA A 340 -14.42 4.36 30.96
C ALA A 340 -14.04 2.87 30.91
N VAL A 341 -12.86 2.56 30.40
CA VAL A 341 -12.27 1.19 30.38
C VAL A 341 -11.01 1.23 31.25
N THR A 342 -10.93 0.33 32.24
CA THR A 342 -9.76 0.12 33.12
C THR A 342 -9.11 -1.22 32.72
N ASP A 343 -7.92 -1.50 33.28
CA ASP A 343 -7.12 -2.71 32.96
C ASP A 343 -7.81 -3.94 33.55
N HIS A 344 -8.65 -3.77 34.58
CA HIS A 344 -9.38 -4.87 35.28
C HIS A 344 -10.57 -5.35 34.42
N ASP A 345 -10.96 -4.60 33.40
CA ASP A 345 -12.07 -4.97 32.46
C ASP A 345 -11.62 -6.08 31.51
N ILE A 346 -10.33 -6.41 31.47
CA ILE A 346 -9.78 -7.52 30.64
C ILE A 346 -9.64 -8.75 31.54
N PRO A 347 -10.38 -9.85 31.27
CA PRO A 347 -10.31 -11.06 32.09
C PRO A 347 -8.87 -11.56 32.27
N GLN A 348 -8.47 -11.82 33.53
CA GLN A 348 -7.08 -12.19 33.92
C GLN A 348 -6.60 -13.38 33.09
N GLN A 349 -7.50 -14.31 32.75
CA GLN A 349 -7.22 -15.45 31.83
C GLN A 349 -6.69 -14.90 30.51
N LEU A 350 -7.48 -14.03 29.84
CA LEU A 350 -7.15 -13.44 28.52
C LEU A 350 -5.79 -12.74 28.61
N VAL A 351 -5.57 -11.97 29.68
CA VAL A 351 -4.31 -11.21 29.93
C VAL A 351 -3.13 -12.19 29.94
N GLU A 352 -3.26 -13.32 30.65
CA GLU A 352 -2.21 -14.36 30.78
C GLU A 352 -1.88 -14.96 29.41
N ARG A 353 -2.90 -15.21 28.58
CA ARG A 353 -2.75 -15.89 27.26
C ARG A 353 -1.98 -14.99 26.27
N LEU A 354 -2.21 -13.69 26.31
CA LEU A 354 -1.53 -12.69 25.44
C LEU A 354 -0.14 -12.38 26.03
N GLN A 355 -0.01 -12.37 27.36
CA GLN A 355 1.29 -12.23 28.07
C GLN A 355 2.22 -13.39 27.65
N GLU A 356 1.66 -14.60 27.52
CA GLU A 356 2.40 -15.81 27.07
C GLU A 356 2.86 -15.62 25.62
N GLU A 357 1.94 -15.25 24.72
CA GLU A 357 2.20 -15.03 23.27
C GLU A 357 3.40 -14.08 23.09
N LYS A 358 3.43 -12.98 23.83
CA LYS A 358 4.47 -11.92 23.73
C LYS A 358 5.82 -12.46 24.24
N ARG A 359 5.80 -13.35 25.23
CA ARG A 359 7.03 -13.98 25.81
C ARG A 359 7.59 -15.01 24.83
N ILE A 360 6.73 -15.82 24.20
CA ILE A 360 7.12 -16.90 23.24
C ILE A 360 7.77 -16.28 21.99
N GLU A 361 7.30 -15.11 21.55
CA GLU A 361 7.80 -14.40 20.34
C GLU A 361 9.12 -13.68 20.67
N ALA A 362 9.29 -13.24 21.93
CA ALA A 362 10.51 -12.59 22.45
C ALA A 362 11.63 -13.62 22.63
N GLN A 363 11.38 -14.90 22.29
CA GLN A 363 12.39 -16.00 22.29
C GLN A 363 12.91 -16.22 20.87
N LYS A 364 12.91 -15.19 20.02
CA LYS A 364 13.47 -15.23 18.64
C LYS A 364 13.50 -13.80 18.07
N LYS B 18 -0.84 6.62 -22.88
CA LYS B 18 -0.27 6.95 -24.23
C LYS B 18 -0.86 8.27 -24.72
N LYS B 19 -0.69 9.35 -23.94
CA LYS B 19 -1.26 10.69 -24.20
C LYS B 19 -0.20 11.55 -24.91
N HIS B 20 0.47 12.46 -24.19
CA HIS B 20 1.47 13.42 -24.74
C HIS B 20 2.89 12.87 -24.58
N THR B 21 3.05 11.66 -24.05
CA THR B 21 4.36 10.98 -23.82
C THR B 21 4.56 9.83 -24.82
N GLY B 22 3.49 9.12 -25.18
CA GLY B 22 3.51 7.92 -26.05
C GLY B 22 3.88 6.66 -25.29
N TYR B 23 3.91 6.72 -23.95
CA TYR B 23 4.20 5.58 -23.04
C TYR B 23 2.99 5.32 -22.15
N VAL B 24 2.82 4.07 -21.72
CA VAL B 24 1.64 3.61 -20.92
C VAL B 24 2.12 3.24 -19.51
N GLY B 25 1.21 3.38 -18.52
CA GLY B 25 1.48 3.16 -17.10
C GLY B 25 1.21 1.71 -16.67
N LEU B 26 1.47 1.43 -15.39
CA LEU B 26 1.24 0.12 -14.73
C LEU B 26 0.18 0.30 -13.64
N LYS B 27 -0.69 -0.69 -13.45
CA LYS B 27 -1.80 -0.64 -12.47
C LYS B 27 -1.24 -0.64 -11.04
N ASN B 28 -1.85 0.14 -10.15
CA ASN B 28 -1.68 0.02 -8.68
C ASN B 28 -2.58 -1.12 -8.21
N GLN B 29 -1.98 -2.24 -7.79
CA GLN B 29 -2.70 -3.48 -7.37
C GLN B 29 -2.19 -3.94 -6.01
N GLY B 30 -1.84 -3.01 -5.12
CA GLY B 30 -1.38 -3.30 -3.75
C GLY B 30 -0.04 -2.65 -3.45
N ALA B 31 0.54 -3.00 -2.30
CA ALA B 31 1.78 -2.39 -1.75
C ALA B 31 3.02 -3.04 -2.41
N THR B 32 3.11 -2.97 -3.73
CA THR B 32 4.22 -3.57 -4.53
C THR B 32 5.44 -2.64 -4.51
N CYS B 33 5.31 -1.46 -3.89
CA CYS B 33 6.42 -0.54 -3.56
C CYS B 33 7.20 -0.17 -4.85
N TYR B 34 8.42 -0.68 -4.99
CA TYR B 34 9.43 -0.34 -6.04
C TYR B 34 9.15 -1.09 -7.35
N MET B 35 8.24 -2.07 -7.36
CA MET B 35 8.08 -3.02 -8.50
C MET B 35 7.79 -2.27 -9.80
N ASN B 36 6.73 -1.46 -9.83
CA ASN B 36 6.28 -0.73 -11.05
C ASN B 36 7.41 0.18 -11.54
N SER B 37 8.18 0.77 -10.63
CA SER B 37 9.35 1.61 -10.93
C SER B 37 10.42 0.76 -11.64
N LEU B 38 10.69 -0.44 -11.11
CA LEU B 38 11.74 -1.36 -11.64
C LEU B 38 11.31 -1.91 -13.01
N LEU B 39 10.03 -2.24 -13.19
CA LEU B 39 9.52 -2.86 -14.44
C LEU B 39 9.66 -1.86 -15.60
N GLN B 40 9.33 -0.58 -15.36
CA GLN B 40 9.48 0.51 -16.37
C GLN B 40 10.96 0.67 -16.70
N THR B 41 11.83 0.64 -15.68
CA THR B 41 13.29 0.80 -15.78
C THR B 41 13.87 -0.31 -16.68
N LEU B 42 13.50 -1.56 -16.41
CA LEU B 42 13.96 -2.76 -17.16
C LEU B 42 13.35 -2.74 -18.56
N PHE B 43 12.08 -2.33 -18.70
CA PHE B 43 11.36 -2.27 -20.00
C PHE B 43 12.13 -1.38 -20.99
N PHE B 44 12.59 -0.20 -20.51
CA PHE B 44 13.30 0.82 -21.32
C PHE B 44 14.81 0.55 -21.32
N THR B 45 15.25 -0.60 -20.81
CA THR B 45 16.56 -1.22 -21.15
C THR B 45 16.33 -2.04 -22.43
N ASN B 46 16.22 -1.34 -23.57
CA ASN B 46 15.71 -1.87 -24.86
C ASN B 46 16.45 -3.16 -25.24
N GLN B 47 17.77 -3.22 -25.03
CA GLN B 47 18.60 -4.41 -25.35
C GLN B 47 18.15 -5.60 -24.48
N LEU B 48 17.85 -5.37 -23.19
CA LEU B 48 17.31 -6.42 -22.28
C LEU B 48 15.92 -6.86 -22.76
N ARG B 49 15.06 -5.91 -23.15
CA ARG B 49 13.67 -6.17 -23.60
C ARG B 49 13.66 -7.10 -24.82
N LYS B 50 14.47 -6.79 -25.85
CA LYS B 50 14.59 -7.59 -27.09
C LYS B 50 14.95 -9.05 -26.74
N ALA B 51 15.96 -9.24 -25.89
CA ALA B 51 16.46 -10.57 -25.46
C ALA B 51 15.36 -11.34 -24.71
N VAL B 52 14.60 -10.63 -23.85
CA VAL B 52 13.47 -11.23 -23.07
C VAL B 52 12.42 -11.78 -24.04
N TYR B 53 12.13 -11.05 -25.13
CA TYR B 53 11.15 -11.45 -26.17
C TYR B 53 11.61 -12.75 -26.87
N MET B 54 12.92 -13.00 -26.95
CA MET B 54 13.53 -14.12 -27.72
C MET B 54 13.54 -15.41 -26.87
N MET B 55 13.33 -15.32 -25.56
CA MET B 55 13.35 -16.50 -24.64
C MET B 55 12.36 -17.55 -25.14
N PRO B 56 12.77 -18.84 -25.23
CA PRO B 56 11.89 -19.90 -25.75
C PRO B 56 10.89 -20.42 -24.71
N THR B 57 9.80 -19.68 -24.50
CA THR B 57 8.78 -19.93 -23.44
C THR B 57 7.58 -20.71 -23.99
N GLU B 58 7.70 -21.33 -25.17
CA GLU B 58 6.58 -22.04 -25.87
C GLU B 58 6.01 -23.13 -24.96
N GLY B 59 6.88 -23.92 -24.32
CA GLY B 59 6.51 -25.07 -23.48
C GLY B 59 6.24 -24.71 -22.03
N ASP B 60 6.48 -23.45 -21.64
CA ASP B 60 6.39 -22.98 -20.23
C ASP B 60 4.93 -23.05 -19.75
N ASP B 61 4.75 -23.39 -18.47
CA ASP B 61 3.46 -23.34 -17.74
C ASP B 61 3.06 -21.87 -17.59
N SER B 62 1.83 -21.52 -17.98
CA SER B 62 1.31 -20.14 -18.16
C SER B 62 1.20 -19.40 -16.81
N SER B 63 1.27 -20.12 -15.68
CA SER B 63 1.02 -19.58 -14.31
C SER B 63 2.24 -19.71 -13.40
N LYS B 64 3.29 -20.41 -13.82
CA LYS B 64 4.51 -20.66 -13.00
C LYS B 64 5.74 -19.99 -13.61
N SER B 65 5.68 -19.59 -14.89
CA SER B 65 6.84 -19.05 -15.65
C SER B 65 7.01 -17.55 -15.37
N VAL B 66 8.09 -17.19 -14.67
CA VAL B 66 8.53 -15.78 -14.46
C VAL B 66 9.00 -15.22 -15.81
N PRO B 67 9.79 -15.98 -16.62
CA PRO B 67 10.21 -15.50 -17.93
C PRO B 67 9.04 -15.09 -18.84
N LEU B 68 7.99 -15.92 -18.89
CA LEU B 68 6.75 -15.65 -19.68
C LEU B 68 6.03 -14.42 -19.10
N ALA B 69 5.87 -14.37 -17.77
CA ALA B 69 5.18 -13.27 -17.06
C ALA B 69 5.85 -11.92 -17.39
N LEU B 70 7.17 -11.89 -17.52
CA LEU B 70 7.93 -10.65 -17.86
C LEU B 70 7.76 -10.34 -19.35
N GLN B 71 7.76 -11.35 -20.21
CA GLN B 71 7.43 -11.21 -21.66
C GLN B 71 6.04 -10.57 -21.79
N ARG B 72 5.07 -11.05 -21.00
CA ARG B 72 3.66 -10.57 -21.04
C ARG B 72 3.63 -9.07 -20.68
N VAL B 73 4.21 -8.68 -19.54
CA VAL B 73 4.21 -7.27 -19.04
C VAL B 73 4.88 -6.37 -20.08
N PHE B 74 6.05 -6.78 -20.58
CA PHE B 74 6.84 -6.03 -21.60
C PHE B 74 6.00 -5.85 -22.87
N TYR B 75 5.39 -6.93 -23.37
CA TYR B 75 4.50 -6.90 -24.56
C TYR B 75 3.37 -5.88 -24.32
N GLU B 76 2.74 -5.93 -23.15
CA GLU B 76 1.59 -5.05 -22.80
C GLU B 76 2.07 -3.59 -22.70
N LEU B 77 3.26 -3.35 -22.14
CA LEU B 77 3.84 -1.97 -22.05
C LEU B 77 4.14 -1.45 -23.47
N GLN B 78 4.45 -2.33 -24.42
CA GLN B 78 4.83 -1.94 -25.80
C GLN B 78 3.58 -1.62 -26.62
N HIS B 79 2.43 -2.23 -26.32
CA HIS B 79 1.23 -2.27 -27.21
C HIS B 79 -0.02 -1.63 -26.58
N SER B 80 -0.22 -1.75 -25.26
CA SER B 80 -1.47 -1.36 -24.58
C SER B 80 -1.63 0.16 -24.56
N ASP B 81 -2.88 0.65 -24.71
CA ASP B 81 -3.27 2.06 -24.50
C ASP B 81 -3.70 2.27 -23.04
N LYS B 82 -4.05 1.17 -22.35
CA LYS B 82 -4.59 1.17 -20.97
C LYS B 82 -3.52 0.69 -19.99
N PRO B 83 -3.56 1.12 -18.71
CA PRO B 83 -2.62 0.67 -17.69
C PRO B 83 -2.48 -0.87 -17.67
N VAL B 84 -1.26 -1.36 -17.45
CA VAL B 84 -0.89 -2.81 -17.56
C VAL B 84 -0.93 -3.44 -16.17
N GLY B 85 -1.47 -4.66 -16.08
CA GLY B 85 -1.57 -5.45 -14.83
C GLY B 85 -0.34 -6.32 -14.64
N THR B 86 -0.07 -6.74 -13.39
CA THR B 86 1.16 -7.48 -12.99
C THR B 86 0.81 -8.71 -12.14
N LYS B 87 -0.47 -9.06 -12.03
CA LYS B 87 -0.97 -10.11 -11.08
C LYS B 87 -0.35 -11.47 -11.47
N LYS B 88 -0.25 -11.75 -12.76
CA LYS B 88 0.36 -13.02 -13.27
C LYS B 88 1.87 -13.01 -12.97
N LEU B 89 2.51 -11.84 -13.00
CA LEU B 89 3.96 -11.67 -12.72
C LEU B 89 4.21 -11.89 -11.22
N THR B 90 3.44 -11.25 -10.35
CA THR B 90 3.61 -11.32 -8.87
C THR B 90 3.29 -12.73 -8.37
N LYS B 91 2.37 -13.45 -9.03
CA LYS B 91 2.10 -14.88 -8.73
C LYS B 91 3.29 -15.74 -9.17
N SER B 92 3.85 -15.47 -10.35
CA SER B 92 4.91 -16.30 -10.99
C SER B 92 6.10 -16.49 -10.04
N PHE B 93 6.54 -15.45 -9.32
CA PHE B 93 7.69 -15.52 -8.39
C PHE B 93 7.23 -15.53 -6.92
N GLY B 94 5.91 -15.55 -6.68
CA GLY B 94 5.31 -15.95 -5.39
C GLY B 94 5.41 -14.88 -4.31
N TRP B 95 5.40 -13.60 -4.69
CA TRP B 95 5.28 -12.44 -3.76
C TRP B 95 3.82 -11.94 -3.81
N GLU B 96 2.94 -12.53 -3.01
CA GLU B 96 1.46 -12.43 -3.17
C GLU B 96 0.75 -11.94 -1.91
N THR B 97 1.46 -11.82 -0.77
CA THR B 97 0.87 -11.45 0.55
C THR B 97 1.00 -9.93 0.76
N LEU B 98 0.13 -9.37 1.62
CA LEU B 98 -0.04 -7.91 1.87
C LEU B 98 1.30 -7.17 1.86
N ASP B 99 2.29 -7.67 2.61
CA ASP B 99 3.58 -6.96 2.87
C ASP B 99 4.76 -7.67 2.20
N SER B 100 4.50 -8.50 1.18
CA SER B 100 5.53 -9.27 0.40
C SER B 100 6.67 -8.35 -0.04
N PHE B 101 6.34 -7.21 -0.66
CA PHE B 101 7.34 -6.28 -1.27
C PHE B 101 7.93 -5.36 -0.20
N MET B 102 7.23 -5.15 0.91
CA MET B 102 7.71 -4.31 2.04
C MET B 102 8.84 -5.03 2.80
N GLN B 103 8.96 -6.35 2.65
CA GLN B 103 9.96 -7.20 3.35
C GLN B 103 11.24 -7.38 2.51
N HIS B 104 11.25 -6.89 1.27
CA HIS B 104 12.41 -6.98 0.34
C HIS B 104 12.81 -5.58 -0.16
N ASP B 105 14.03 -5.47 -0.71
CA ASP B 105 14.58 -4.24 -1.34
C ASP B 105 14.41 -4.36 -2.86
N VAL B 106 14.66 -3.27 -3.59
CA VAL B 106 14.53 -3.22 -5.08
C VAL B 106 15.59 -4.13 -5.72
N GLN B 107 16.81 -4.17 -5.18
CA GLN B 107 17.92 -4.99 -5.73
C GLN B 107 17.60 -6.49 -5.59
N GLU B 108 16.87 -6.87 -4.54
CA GLU B 108 16.43 -8.28 -4.31
C GLU B 108 15.42 -8.68 -5.39
N LEU B 109 14.42 -7.84 -5.67
CA LEU B 109 13.42 -8.10 -6.73
C LEU B 109 14.13 -8.16 -8.09
N CYS B 110 14.99 -7.18 -8.39
CA CYS B 110 15.77 -7.10 -9.66
C CYS B 110 16.55 -8.40 -9.87
N ARG B 111 17.24 -8.88 -8.83
CA ARG B 111 18.03 -10.15 -8.88
C ARG B 111 17.11 -11.32 -9.24
N VAL B 112 15.95 -11.45 -8.58
CA VAL B 112 14.95 -12.53 -8.83
C VAL B 112 14.55 -12.52 -10.31
N LEU B 113 14.19 -11.35 -10.84
CA LEU B 113 13.75 -11.21 -12.26
C LEU B 113 14.91 -11.57 -13.20
N LEU B 114 16.09 -10.99 -13.00
CA LEU B 114 17.26 -11.16 -13.92
C LEU B 114 17.83 -12.59 -13.80
N ASP B 115 17.79 -13.20 -12.62
CA ASP B 115 18.20 -14.62 -12.40
C ASP B 115 17.33 -15.53 -13.27
N ASN B 116 16.00 -15.34 -13.20
CA ASN B 116 15.00 -16.16 -13.92
C ASN B 116 15.21 -16.06 -15.43
N VAL B 117 15.36 -14.85 -15.97
CA VAL B 117 15.48 -14.61 -17.45
C VAL B 117 16.86 -15.08 -17.92
N GLU B 118 17.92 -14.86 -17.13
CA GLU B 118 19.30 -15.30 -17.48
C GLU B 118 19.31 -16.83 -17.64
N ASN B 119 18.74 -17.55 -16.66
CA ASN B 119 18.60 -19.04 -16.70
C ASN B 119 17.87 -19.45 -17.98
N LYS B 120 16.78 -18.78 -18.32
CA LYS B 120 15.91 -19.12 -19.49
C LYS B 120 16.70 -18.95 -20.79
N MET B 121 17.66 -18.01 -20.83
CA MET B 121 18.45 -17.67 -22.04
C MET B 121 19.62 -18.63 -22.23
N LYS B 122 19.97 -19.45 -21.23
CA LYS B 122 21.05 -20.47 -21.29
C LYS B 122 20.75 -21.46 -22.43
N GLY B 123 21.70 -21.62 -23.37
CA GLY B 123 21.61 -22.55 -24.51
C GLY B 123 20.86 -21.93 -25.68
N THR B 124 20.56 -20.64 -25.61
CA THR B 124 19.92 -19.83 -26.69
C THR B 124 20.98 -18.87 -27.24
N CYS B 125 20.68 -18.20 -28.35
CA CYS B 125 21.58 -17.24 -29.04
C CYS B 125 21.78 -15.98 -28.19
N VAL B 126 20.85 -15.67 -27.26
CA VAL B 126 20.92 -14.48 -26.36
C VAL B 126 21.44 -14.90 -24.98
N GLU B 127 22.07 -16.08 -24.85
CA GLU B 127 22.79 -16.49 -23.61
C GLU B 127 23.84 -15.43 -23.28
N GLY B 128 23.91 -15.02 -22.01
CA GLY B 128 24.93 -14.09 -21.50
C GLY B 128 24.57 -12.63 -21.73
N THR B 129 23.30 -12.32 -22.04
CA THR B 129 22.80 -10.93 -22.25
C THR B 129 22.80 -10.17 -20.91
N ILE B 130 22.40 -10.82 -19.81
CA ILE B 130 22.32 -10.21 -18.45
C ILE B 130 23.72 -9.82 -17.97
N PRO B 131 24.70 -10.75 -17.90
CA PRO B 131 26.07 -10.37 -17.52
C PRO B 131 26.71 -9.34 -18.46
N LYS B 132 26.44 -9.44 -19.76
CA LYS B 132 26.91 -8.45 -20.78
C LYS B 132 26.45 -7.05 -20.38
N LEU B 133 25.21 -6.90 -19.91
CA LEU B 133 24.58 -5.58 -19.65
C LEU B 133 24.89 -5.08 -18.22
N PHE B 134 24.84 -5.96 -17.22
CA PHE B 134 24.73 -5.58 -15.79
C PHE B 134 25.97 -5.97 -14.98
N ARG B 135 26.83 -6.86 -15.48
CA ARG B 135 27.93 -7.46 -14.68
C ARG B 135 29.21 -6.63 -14.82
N GLY B 136 29.69 -6.10 -13.70
CA GLY B 136 31.04 -5.53 -13.55
C GLY B 136 31.92 -6.41 -12.69
N LYS B 137 33.22 -6.12 -12.66
CA LYS B 137 34.23 -6.87 -11.87
C LYS B 137 34.94 -5.90 -10.92
N MET B 138 35.14 -6.31 -9.67
CA MET B 138 36.02 -5.64 -8.68
C MET B 138 37.23 -6.54 -8.41
N VAL B 139 38.37 -5.94 -8.08
CA VAL B 139 39.46 -6.63 -7.33
C VAL B 139 39.23 -6.35 -5.85
N SER B 140 39.07 -7.40 -5.05
CA SER B 140 39.03 -7.37 -3.56
C SER B 140 40.41 -7.79 -3.06
N TYR B 141 41.08 -6.95 -2.26
CA TYR B 141 42.47 -7.16 -1.81
C TYR B 141 42.55 -7.14 -0.28
N ILE B 142 43.44 -7.96 0.27
CA ILE B 142 43.93 -7.91 1.67
C ILE B 142 45.46 -7.79 1.61
N GLN B 143 46.01 -6.71 2.18
CA GLN B 143 47.47 -6.41 2.19
C GLN B 143 47.94 -6.35 3.65
N CYS B 144 48.84 -7.26 4.03
CA CYS B 144 49.47 -7.31 5.38
C CYS B 144 50.45 -6.13 5.52
N LYS B 145 50.48 -5.52 6.71
CA LYS B 145 51.28 -4.30 7.02
C LYS B 145 52.76 -4.67 7.25
N GLU B 146 53.02 -5.59 8.19
CA GLU B 146 54.37 -5.87 8.76
C GLU B 146 54.94 -7.18 8.18
N VAL B 147 54.42 -7.65 7.05
CA VAL B 147 54.77 -8.97 6.44
C VAL B 147 54.39 -8.95 4.95
N ASP B 148 55.18 -9.59 4.09
CA ASP B 148 54.99 -9.60 2.62
C ASP B 148 53.98 -10.69 2.24
N TYR B 149 52.69 -10.45 2.51
CA TYR B 149 51.56 -11.27 1.98
C TYR B 149 50.46 -10.35 1.45
N ARG B 150 49.96 -10.67 0.25
CA ARG B 150 48.84 -9.98 -0.43
C ARG B 150 47.95 -11.02 -1.10
N SER B 151 46.63 -10.86 -0.98
CA SER B 151 45.60 -11.72 -1.63
C SER B 151 44.70 -10.83 -2.48
N ASP B 152 44.68 -11.05 -3.81
CA ASP B 152 43.88 -10.29 -4.81
C ASP B 152 42.85 -11.24 -5.45
N ARG B 153 41.56 -10.90 -5.35
CA ARG B 153 40.41 -11.72 -5.84
C ARG B 153 39.54 -10.88 -6.76
N ARG B 154 39.18 -11.43 -7.93
CA ARG B 154 38.08 -10.90 -8.77
C ARG B 154 36.75 -11.22 -8.09
N GLU B 155 35.93 -10.19 -7.84
CA GLU B 155 34.53 -10.31 -7.36
C GLU B 155 33.60 -9.71 -8.41
N ASP B 156 32.56 -10.45 -8.81
CA ASP B 156 31.52 -9.99 -9.77
C ASP B 156 30.43 -9.26 -8.99
N TYR B 157 29.85 -8.23 -9.60
CA TYR B 157 28.68 -7.48 -9.07
C TYR B 157 27.75 -7.15 -10.25
N TYR B 158 26.44 -7.11 -9.99
CA TYR B 158 25.40 -6.70 -10.97
C TYR B 158 24.73 -5.39 -10.50
N ASP B 159 25.08 -4.92 -9.31
CA ASP B 159 24.51 -3.69 -8.67
C ASP B 159 25.49 -3.21 -7.61
N ILE B 160 25.45 -1.91 -7.28
CA ILE B 160 26.31 -1.26 -6.25
C ILE B 160 25.40 -0.59 -5.22
N GLN B 161 25.56 -0.95 -3.94
CA GLN B 161 24.87 -0.28 -2.81
C GLN B 161 25.84 0.80 -2.29
N LEU B 162 25.48 2.08 -2.46
CA LEU B 162 26.33 3.25 -2.08
C LEU B 162 25.84 3.83 -0.76
N SER B 163 26.74 4.04 0.20
CA SER B 163 26.46 4.75 1.48
C SER B 163 26.20 6.23 1.17
N ILE B 164 25.11 6.79 1.71
CA ILE B 164 24.72 8.23 1.51
C ILE B 164 24.76 8.97 2.86
N LYS B 165 24.69 8.28 4.00
CA LYS B 165 24.72 8.90 5.35
C LYS B 165 26.05 9.62 5.56
N GLY B 166 26.02 10.94 5.75
CA GLY B 166 27.22 11.79 5.91
C GLY B 166 27.94 12.03 4.60
N LYS B 167 27.36 11.62 3.46
CA LYS B 167 27.93 11.85 2.11
C LYS B 167 27.12 12.94 1.41
N LYS B 168 27.82 13.92 0.84
CA LYS B 168 27.23 15.09 0.13
C LYS B 168 26.71 14.65 -1.24
N ASN B 169 27.42 13.77 -1.94
CA ASN B 169 27.12 13.44 -3.37
C ASN B 169 27.63 12.03 -3.74
N ILE B 170 27.36 11.62 -4.98
CA ILE B 170 27.79 10.31 -5.57
C ILE B 170 29.31 10.19 -5.48
N PHE B 171 30.05 11.26 -5.76
CA PHE B 171 31.54 11.25 -5.74
C PHE B 171 32.02 10.74 -4.38
N GLU B 172 31.51 11.31 -3.30
CA GLU B 172 31.89 10.97 -1.90
C GLU B 172 31.50 9.51 -1.59
N SER B 173 30.36 9.04 -2.12
CA SER B 173 29.87 7.64 -1.97
C SER B 173 30.88 6.66 -2.56
N PHE B 174 31.36 6.93 -3.79
CA PHE B 174 32.33 6.07 -4.50
C PHE B 174 33.68 6.11 -3.77
N VAL B 175 34.11 7.30 -3.31
CA VAL B 175 35.36 7.47 -2.50
C VAL B 175 35.27 6.59 -1.25
N ASP B 176 34.12 6.59 -0.57
CA ASP B 176 33.87 5.78 0.65
C ASP B 176 33.87 4.28 0.28
N TYR B 177 33.36 3.94 -0.91
CA TYR B 177 33.22 2.54 -1.38
C TYR B 177 34.59 1.89 -1.55
N VAL B 178 35.55 2.62 -2.12
CA VAL B 178 36.93 2.10 -2.41
C VAL B 178 37.89 2.46 -1.27
N ALA B 179 37.39 2.97 -0.13
CA ALA B 179 38.20 3.39 1.04
C ALA B 179 38.81 2.16 1.71
N VAL B 180 40.06 2.27 2.15
CA VAL B 180 40.82 1.18 2.82
C VAL B 180 40.21 0.96 4.22
N GLU B 181 40.02 -0.31 4.60
CA GLU B 181 39.56 -0.73 5.95
C GLU B 181 40.74 -1.38 6.68
N GLN B 182 40.96 -1.01 7.95
CA GLN B 182 42.09 -1.51 8.78
C GLN B 182 41.66 -2.81 9.46
N LEU B 183 42.53 -3.83 9.43
CA LEU B 183 42.34 -5.13 10.13
C LEU B 183 43.43 -5.28 11.19
N ASP B 184 43.15 -4.81 12.42
CA ASP B 184 44.06 -4.87 13.59
C ASP B 184 43.24 -5.20 14.84
N GLY B 185 43.90 -5.28 16.01
CA GLY B 185 43.28 -5.61 17.30
C GLY B 185 42.68 -7.00 17.29
N ASP B 186 41.39 -7.13 17.59
CA ASP B 186 40.64 -8.41 17.62
C ASP B 186 40.18 -8.78 16.21
N ASN B 187 40.40 -7.90 15.23
CA ASN B 187 40.04 -8.11 13.80
C ASN B 187 41.31 -8.28 12.96
N LYS B 188 42.34 -8.94 13.50
CA LYS B 188 43.57 -9.28 12.76
C LYS B 188 43.23 -10.34 11.70
N TYR B 189 43.90 -10.28 10.55
CA TYR B 189 43.70 -11.18 9.38
C TYR B 189 44.50 -12.47 9.58
N ASP B 190 43.89 -13.63 9.35
CA ASP B 190 44.57 -14.94 9.35
C ASP B 190 45.40 -15.04 8.06
N ALA B 191 46.71 -14.81 8.17
CA ALA B 191 47.69 -14.83 7.05
C ALA B 191 48.35 -16.21 6.94
N GLY B 192 47.73 -17.26 7.50
CA GLY B 192 48.16 -18.66 7.34
C GLY B 192 49.51 -18.93 7.99
N GLU B 193 50.55 -19.11 7.18
CA GLU B 193 51.96 -19.28 7.62
C GLU B 193 52.36 -18.19 8.63
N HIS B 194 51.97 -16.94 8.36
CA HIS B 194 52.43 -15.73 9.09
C HIS B 194 51.60 -15.49 10.37
N GLY B 195 50.58 -16.32 10.61
CA GLY B 195 49.69 -16.20 11.78
C GLY B 195 48.76 -15.00 11.65
N LEU B 196 48.14 -14.58 12.76
CA LEU B 196 47.32 -13.34 12.81
C LEU B 196 48.23 -12.15 12.48
N GLN B 197 47.78 -11.27 11.59
CA GLN B 197 48.58 -10.15 11.03
C GLN B 197 47.68 -8.91 10.86
N GLU B 198 48.20 -7.74 11.22
CA GLU B 198 47.57 -6.43 10.91
C GLU B 198 47.61 -6.24 9.39
N ALA B 199 46.48 -5.88 8.78
CA ALA B 199 46.34 -5.80 7.30
C ALA B 199 45.36 -4.69 6.91
N GLU B 200 45.38 -4.31 5.63
CA GLU B 200 44.45 -3.37 4.97
C GLU B 200 43.55 -4.15 4.00
N LYS B 201 42.24 -3.92 4.07
CA LYS B 201 41.23 -4.54 3.18
C LYS B 201 40.55 -3.44 2.35
N GLY B 202 40.28 -3.71 1.07
CA GLY B 202 39.56 -2.76 0.18
C GLY B 202 39.12 -3.40 -1.12
N VAL B 203 38.37 -2.64 -1.92
CA VAL B 203 37.97 -3.02 -3.31
C VAL B 203 38.37 -1.87 -4.24
N LYS B 204 38.79 -2.21 -5.46
CA LYS B 204 38.92 -1.28 -6.61
C LYS B 204 38.07 -1.85 -7.75
N PHE B 205 37.51 -0.99 -8.59
CA PHE B 205 36.73 -1.38 -9.80
C PHE B 205 37.72 -1.76 -10.91
N LEU B 206 37.58 -2.97 -11.45
CA LEU B 206 38.32 -3.43 -12.66
C LEU B 206 37.52 -3.01 -13.90
N THR B 207 36.21 -3.27 -13.90
CA THR B 207 35.28 -2.88 -14.98
C THR B 207 33.98 -2.31 -14.39
N LEU B 208 33.32 -1.43 -15.14
CA LEU B 208 31.94 -0.94 -14.89
C LEU B 208 31.05 -1.40 -16.04
N PRO B 209 29.86 -1.99 -15.76
CA PRO B 209 29.02 -2.56 -16.82
C PRO B 209 28.39 -1.49 -17.71
N PRO B 210 27.89 -1.85 -18.91
CA PRO B 210 27.10 -0.93 -19.75
C PRO B 210 25.93 -0.26 -19.03
N VAL B 211 25.21 -1.01 -18.19
CA VAL B 211 24.06 -0.50 -17.38
C VAL B 211 24.44 -0.62 -15.90
N LEU B 212 24.53 0.52 -15.21
CA LEU B 212 25.00 0.63 -13.81
C LEU B 212 23.80 0.90 -12.90
N HIS B 213 23.38 -0.12 -12.13
CA HIS B 213 22.31 -0.03 -11.11
C HIS B 213 22.93 0.38 -9.77
N LEU B 214 22.67 1.62 -9.33
CA LEU B 214 23.15 2.18 -8.05
C LEU B 214 21.98 2.31 -7.08
N GLN B 215 21.93 1.48 -6.04
CA GLN B 215 21.01 1.69 -4.89
C GLN B 215 21.69 2.68 -3.94
N LEU B 216 20.94 3.70 -3.50
CA LEU B 216 21.37 4.68 -2.47
C LEU B 216 20.80 4.22 -1.13
N MET B 217 21.67 3.91 -0.16
CA MET B 217 21.27 3.24 1.11
C MET B 217 20.63 4.25 2.07
N ARG B 218 19.45 4.76 1.69
CA ARG B 218 18.57 5.62 2.53
C ARG B 218 17.80 4.74 3.53
N PHE B 219 17.37 3.55 3.07
CA PHE B 219 16.66 2.54 3.89
C PHE B 219 17.70 1.59 4.49
N MET B 220 17.81 1.57 5.82
CA MET B 220 18.80 0.76 6.57
C MET B 220 18.17 0.28 7.89
N TYR B 221 18.69 -0.81 8.45
CA TYR B 221 18.37 -1.30 9.80
C TYR B 221 19.19 -0.51 10.82
N ASP B 222 18.53 -0.05 11.90
CA ASP B 222 19.14 0.69 13.04
C ASP B 222 19.31 -0.28 14.20
N PRO B 223 20.53 -0.85 14.43
CA PRO B 223 20.73 -1.88 15.44
C PRO B 223 20.34 -1.45 16.87
N GLN B 224 20.60 -0.19 17.23
CA GLN B 224 20.36 0.38 18.59
C GLN B 224 18.85 0.43 18.87
N THR B 225 18.04 0.89 17.90
CA THR B 225 16.59 1.17 18.06
C THR B 225 15.75 -0.09 17.76
N ASP B 226 16.35 -1.10 17.11
CA ASP B 226 15.65 -2.32 16.63
C ASP B 226 14.53 -1.89 15.68
N GLN B 227 14.89 -1.11 14.65
CA GLN B 227 13.93 -0.51 13.67
C GLN B 227 14.64 -0.27 12.33
N ASN B 228 13.89 -0.40 11.23
CA ASN B 228 14.30 0.06 9.88
C ASN B 228 13.89 1.53 9.74
N ILE B 229 14.84 2.39 9.35
CA ILE B 229 14.65 3.87 9.22
C ILE B 229 14.97 4.28 7.77
N LYS B 230 14.45 5.44 7.35
CA LYS B 230 14.78 6.09 6.05
C LYS B 230 15.52 7.40 6.31
N ILE B 231 16.71 7.54 5.72
CA ILE B 231 17.51 8.81 5.73
C ILE B 231 17.01 9.71 4.58
N ASN B 232 16.49 10.90 4.91
CA ASN B 232 15.92 11.86 3.94
C ASN B 232 16.88 13.03 3.75
N ASP B 233 18.15 12.85 4.12
CA ASP B 233 19.21 13.88 4.03
C ASP B 233 19.48 14.22 2.55
N ARG B 234 20.01 15.42 2.30
CA ARG B 234 20.38 15.88 0.95
C ARG B 234 21.47 14.96 0.40
N PHE B 235 21.34 14.54 -0.85
CA PHE B 235 22.32 13.70 -1.58
C PHE B 235 22.21 14.01 -3.08
N GLU B 236 23.27 14.61 -3.62
CA GLU B 236 23.33 15.14 -5.01
C GLU B 236 23.90 14.06 -5.93
N PHE B 237 23.26 13.82 -7.08
CA PHE B 237 23.76 12.96 -8.17
C PHE B 237 23.74 13.78 -9.46
N PRO B 238 24.78 13.66 -10.32
CA PRO B 238 24.82 14.39 -11.58
C PRO B 238 24.12 13.67 -12.75
N GLU B 239 23.71 14.45 -13.76
CA GLU B 239 23.21 13.97 -15.07
C GLU B 239 24.31 13.18 -15.78
N GLN B 240 25.55 13.67 -15.71
CA GLN B 240 26.75 13.02 -16.30
C GLN B 240 27.73 12.68 -15.17
N LEU B 241 28.18 11.43 -15.12
CA LEU B 241 28.94 10.83 -14.00
C LEU B 241 30.23 10.23 -14.56
N PRO B 242 31.39 10.89 -14.38
CA PRO B 242 32.68 10.31 -14.75
C PRO B 242 33.24 9.43 -13.62
N LEU B 243 33.58 8.18 -13.92
CA LEU B 243 33.98 7.17 -12.90
C LEU B 243 35.39 6.61 -13.17
N ASP B 244 36.15 7.19 -14.12
CA ASP B 244 37.54 6.77 -14.46
C ASP B 244 38.41 6.73 -13.20
N GLU B 245 38.26 7.71 -12.31
CA GLU B 245 39.01 7.82 -11.04
C GLU B 245 39.01 6.50 -10.27
N PHE B 246 37.89 5.77 -10.32
CA PHE B 246 37.59 4.63 -9.41
C PHE B 246 38.02 3.30 -10.05
N LEU B 247 38.47 3.35 -11.31
CA LEU B 247 39.04 2.19 -12.04
C LEU B 247 40.51 2.02 -11.64
N GLN B 248 40.93 0.79 -11.33
CA GLN B 248 42.35 0.42 -11.12
C GLN B 248 43.17 0.84 -12.35
N LYS B 249 42.60 0.66 -13.55
CA LYS B 249 43.25 0.93 -14.86
C LYS B 249 42.21 1.58 -15.79
N THR B 250 42.50 2.76 -16.32
CA THR B 250 41.59 3.52 -17.23
C THR B 250 41.89 3.14 -18.68
N ASP B 251 41.12 3.69 -19.62
CA ASP B 251 41.25 3.44 -21.08
C ASP B 251 40.96 4.74 -21.83
N PRO B 252 41.99 5.38 -22.43
CA PRO B 252 41.77 6.60 -23.23
C PRO B 252 40.72 6.48 -24.33
N LYS B 253 40.54 5.29 -24.91
CA LYS B 253 39.60 5.02 -26.04
C LYS B 253 38.16 4.95 -25.53
N ASP B 254 37.93 4.40 -24.32
CA ASP B 254 36.60 4.19 -23.71
C ASP B 254 36.61 4.66 -22.26
N PRO B 255 36.45 5.98 -22.01
CA PRO B 255 36.32 6.51 -20.66
C PRO B 255 35.05 6.00 -19.96
N ALA B 256 35.10 5.81 -18.64
CA ALA B 256 33.95 5.39 -17.81
C ALA B 256 33.03 6.59 -17.56
N ASN B 257 32.52 7.21 -18.64
CA ASN B 257 31.54 8.32 -18.60
C ASN B 257 30.13 7.73 -18.68
N TYR B 258 29.27 8.07 -17.72
CA TYR B 258 27.90 7.52 -17.55
C TYR B 258 26.86 8.64 -17.65
N ILE B 259 25.70 8.32 -18.23
CA ILE B 259 24.56 9.23 -18.50
C ILE B 259 23.36 8.73 -17.70
N LEU B 260 22.71 9.61 -16.93
CA LEU B 260 21.57 9.25 -16.04
C LEU B 260 20.37 8.85 -16.90
N HIS B 261 19.82 7.66 -16.66
CA HIS B 261 18.68 7.07 -17.41
C HIS B 261 17.42 7.07 -16.55
N ALA B 262 17.51 6.61 -15.30
CA ALA B 262 16.36 6.40 -14.39
C ALA B 262 16.68 6.96 -13.00
N VAL B 263 15.70 7.61 -12.39
CA VAL B 263 15.70 8.04 -10.96
C VAL B 263 14.47 7.42 -10.28
N LEU B 264 14.67 6.37 -9.49
CA LEU B 264 13.59 5.72 -8.71
C LEU B 264 13.43 6.47 -7.39
N VAL B 265 12.24 7.06 -7.18
CA VAL B 265 11.96 8.05 -6.12
C VAL B 265 10.97 7.45 -5.11
N HIS B 266 11.14 7.81 -3.84
CA HIS B 266 10.20 7.51 -2.72
C HIS B 266 9.85 8.80 -2.00
N SER B 267 8.55 9.05 -1.81
CA SER B 267 7.99 10.15 -0.98
C SER B 267 7.43 9.56 0.31
N GLY B 268 7.93 10.01 1.46
CA GLY B 268 7.46 9.58 2.79
C GLY B 268 8.60 9.38 3.77
N ASP B 269 8.28 9.29 5.06
CA ASP B 269 9.23 9.02 6.17
C ASP B 269 9.09 7.56 6.59
N ASN B 270 10.08 6.73 6.26
CA ASN B 270 10.25 5.36 6.81
C ASN B 270 9.10 4.48 6.29
N HIS B 271 8.09 4.20 7.12
CA HIS B 271 6.96 3.27 6.85
C HIS B 271 6.06 3.88 5.77
N GLY B 272 5.59 3.04 4.84
CA GLY B 272 4.65 3.44 3.76
C GLY B 272 5.32 4.36 2.76
N GLY B 273 4.55 5.32 2.23
CA GLY B 273 5.03 6.31 1.25
C GLY B 273 4.63 5.90 -0.17
N HIS B 274 4.93 6.76 -1.14
CA HIS B 274 4.55 6.60 -2.57
C HIS B 274 5.82 6.41 -3.42
N TYR B 275 5.78 5.46 -4.36
CA TYR B 275 6.91 5.07 -5.24
C TYR B 275 6.65 5.56 -6.66
N VAL B 276 7.66 6.16 -7.27
CA VAL B 276 7.59 6.87 -8.58
C VAL B 276 8.96 6.71 -9.25
N VAL B 277 8.98 6.62 -10.59
CA VAL B 277 10.26 6.57 -11.36
C VAL B 277 10.24 7.66 -12.43
N TYR B 278 11.35 8.42 -12.50
CA TYR B 278 11.65 9.39 -13.58
C TYR B 278 12.62 8.70 -14.55
N LEU B 279 12.30 8.75 -15.84
CA LEU B 279 13.11 8.16 -16.95
C LEU B 279 13.26 9.18 -18.07
N ASN B 280 14.39 9.17 -18.77
CA ASN B 280 14.53 9.69 -20.16
C ASN B 280 14.82 8.49 -21.05
N PRO B 281 13.79 7.74 -21.48
CA PRO B 281 13.97 6.42 -22.08
C PRO B 281 14.90 6.37 -23.31
N LYS B 282 14.94 7.45 -24.10
CA LYS B 282 15.74 7.54 -25.35
C LYS B 282 17.16 8.06 -25.03
N GLY B 283 17.42 8.45 -23.78
CA GLY B 283 18.73 8.95 -23.32
C GLY B 283 19.05 10.32 -23.87
N ASP B 284 18.03 11.13 -24.15
CA ASP B 284 18.12 12.39 -24.93
C ASP B 284 17.77 13.60 -24.04
N GLY B 285 17.68 13.40 -22.72
CA GLY B 285 17.37 14.44 -21.73
C GLY B 285 15.91 14.88 -21.74
N LYS B 286 15.02 14.12 -22.38
CA LYS B 286 13.56 14.39 -22.41
C LYS B 286 12.87 13.46 -21.40
N TRP B 287 12.59 13.98 -20.20
CA TRP B 287 12.19 13.18 -19.01
C TRP B 287 10.68 12.99 -18.95
N CYS B 288 10.25 11.81 -18.47
CA CYS B 288 8.85 11.48 -18.11
C CYS B 288 8.79 10.97 -16.67
N LYS B 289 7.75 11.36 -15.94
CA LYS B 289 7.38 10.83 -14.61
C LYS B 289 6.41 9.66 -14.81
N PHE B 290 6.76 8.48 -14.30
CA PHE B 290 5.91 7.25 -14.35
C PHE B 290 5.33 7.01 -12.96
N ASP B 291 4.06 7.36 -12.77
CA ASP B 291 3.34 7.31 -11.48
C ASP B 291 2.19 6.30 -11.61
N ASP B 292 2.51 5.01 -11.50
CA ASP B 292 1.59 3.87 -11.77
C ASP B 292 0.92 4.11 -13.13
N ASP B 293 -0.38 4.41 -13.15
CA ASP B 293 -1.19 4.55 -14.40
C ASP B 293 -0.93 5.90 -15.07
N VAL B 294 -0.45 6.90 -14.33
CA VAL B 294 -0.24 8.29 -14.84
C VAL B 294 1.23 8.45 -15.28
N VAL B 295 1.45 8.57 -16.59
CA VAL B 295 2.75 8.92 -17.23
C VAL B 295 2.62 10.34 -17.80
N SER B 296 3.53 11.23 -17.44
CA SER B 296 3.54 12.64 -17.89
C SER B 296 4.98 13.11 -18.13
N ARG B 297 5.18 13.92 -19.17
CA ARG B 297 6.43 14.67 -19.41
C ARG B 297 6.66 15.61 -18.21
N CYS B 298 7.91 15.71 -17.76
CA CYS B 298 8.37 16.61 -16.67
C CYS B 298 9.66 17.30 -17.09
N THR B 299 10.12 18.25 -16.28
CA THR B 299 11.40 18.98 -16.48
C THR B 299 12.56 18.09 -16.04
N LYS B 300 13.76 18.37 -16.54
CA LYS B 300 15.03 17.76 -16.09
C LYS B 300 15.20 18.00 -14.59
N GLU B 301 14.80 19.19 -14.11
CA GLU B 301 14.94 19.63 -12.69
C GLU B 301 14.11 18.72 -11.78
N GLU B 302 12.87 18.42 -12.18
CA GLU B 302 11.93 17.58 -11.40
C GLU B 302 12.50 16.16 -11.27
N ALA B 303 13.11 15.63 -12.33
CA ALA B 303 13.70 14.28 -12.40
C ALA B 303 14.96 14.20 -11.52
N ILE B 304 15.78 15.25 -11.51
CA ILE B 304 17.15 15.23 -10.92
C ILE B 304 17.18 16.04 -9.61
N GLU B 305 17.34 17.36 -9.69
CA GLU B 305 17.64 18.24 -8.53
C GLU B 305 16.53 18.16 -7.46
N HIS B 306 15.27 18.03 -7.86
CA HIS B 306 14.08 17.97 -6.95
C HIS B 306 14.08 16.67 -6.13
N ASN B 307 14.93 15.70 -6.48
CA ASN B 307 14.97 14.35 -5.83
C ASN B 307 16.24 14.22 -4.98
N TYR B 308 16.95 15.33 -4.77
CA TYR B 308 18.18 15.40 -3.93
C TYR B 308 17.81 15.23 -2.45
N GLY B 309 16.57 15.57 -2.08
CA GLY B 309 16.05 15.47 -0.70
C GLY B 309 16.60 16.55 0.21
N GLY B 310 16.44 16.38 1.52
CA GLY B 310 16.98 17.28 2.56
C GLY B 310 16.08 18.48 2.81
N HIS B 311 16.52 19.38 3.69
CA HIS B 311 15.80 20.61 4.13
C HIS B 311 16.64 21.85 3.81
N HIS B 319 12.66 17.62 3.23
CA HIS B 319 11.75 17.13 2.18
C HIS B 319 11.93 15.62 2.01
N CYS B 320 10.85 14.85 2.15
CA CYS B 320 10.84 13.36 2.24
C CYS B 320 10.66 12.72 0.85
N THR B 321 10.83 13.50 -0.22
CA THR B 321 10.81 13.04 -1.64
C THR B 321 12.25 12.97 -2.16
N ASN B 322 12.77 11.76 -2.44
CA ASN B 322 14.18 11.59 -2.86
C ASN B 322 14.40 10.25 -3.56
N ALA B 323 15.56 10.11 -4.21
CA ALA B 323 15.97 8.90 -4.95
C ALA B 323 16.52 7.86 -3.97
N TYR B 324 16.18 6.60 -4.17
CA TYR B 324 16.77 5.43 -3.46
C TYR B 324 17.54 4.56 -4.47
N MET B 325 17.38 4.81 -5.77
CA MET B 325 18.08 4.05 -6.84
C MET B 325 18.28 4.92 -8.08
N LEU B 326 19.47 4.86 -8.67
CA LEU B 326 19.83 5.52 -9.95
C LEU B 326 20.22 4.44 -10.96
N VAL B 327 19.81 4.60 -12.21
CA VAL B 327 20.35 3.81 -13.35
C VAL B 327 21.11 4.77 -14.27
N TYR B 328 22.38 4.47 -14.51
CA TYR B 328 23.27 5.15 -15.50
C TYR B 328 23.63 4.16 -16.61
N ILE B 329 23.79 4.67 -17.83
CA ILE B 329 24.26 3.88 -19.02
C ILE B 329 25.58 4.50 -19.50
N ARG B 330 26.60 3.66 -19.73
CA ARG B 330 27.90 4.14 -20.29
C ARG B 330 27.60 4.86 -21.60
N GLU B 331 28.14 6.06 -21.77
CA GLU B 331 27.88 6.95 -22.94
C GLU B 331 28.12 6.16 -24.24
N SER B 332 29.21 5.39 -24.31
CA SER B 332 29.67 4.68 -25.53
C SER B 332 28.70 3.54 -25.88
N LYS B 333 27.97 3.01 -24.90
CA LYS B 333 27.05 1.85 -25.04
C LYS B 333 25.60 2.32 -25.16
N LEU B 334 25.34 3.62 -25.00
CA LEU B 334 23.98 4.23 -24.94
C LEU B 334 23.13 3.76 -26.13
N SER B 335 23.65 3.88 -27.36
CA SER B 335 22.89 3.65 -28.62
C SER B 335 22.60 2.16 -28.84
N GLU B 336 23.43 1.27 -28.27
CA GLU B 336 23.23 -0.21 -28.30
C GLU B 336 22.22 -0.63 -27.21
N VAL B 337 22.40 -0.15 -25.97
CA VAL B 337 21.50 -0.47 -24.82
C VAL B 337 20.08 0.00 -25.18
N LEU B 338 19.97 1.22 -25.71
CA LEU B 338 18.68 1.88 -26.06
C LEU B 338 18.39 1.73 -27.55
N GLN B 339 18.87 0.65 -28.19
CA GLN B 339 18.60 0.33 -29.62
C GLN B 339 17.08 0.32 -29.82
N ALA B 340 16.60 0.71 -31.01
CA ALA B 340 15.16 0.78 -31.33
C ALA B 340 14.55 -0.62 -31.21
N VAL B 341 13.32 -0.70 -30.68
CA VAL B 341 12.49 -1.94 -30.63
C VAL B 341 11.25 -1.68 -31.48
N THR B 342 10.94 -2.62 -32.39
CA THR B 342 9.73 -2.61 -33.25
C THR B 342 8.82 -3.76 -32.83
N ASP B 343 7.60 -3.78 -33.37
CA ASP B 343 6.59 -4.85 -33.12
C ASP B 343 7.09 -6.16 -33.74
N HIS B 344 7.99 -6.07 -34.72
CA HIS B 344 8.59 -7.24 -35.44
C HIS B 344 9.62 -7.96 -34.56
N ASP B 345 10.14 -7.30 -33.52
CA ASP B 345 11.15 -7.87 -32.59
C ASP B 345 10.51 -8.84 -31.60
N ILE B 346 9.18 -8.92 -31.56
CA ILE B 346 8.41 -9.92 -30.75
C ILE B 346 8.12 -11.14 -31.64
N PRO B 347 8.68 -12.33 -31.33
CA PRO B 347 8.41 -13.52 -32.14
C PRO B 347 6.90 -13.80 -32.30
N GLN B 348 6.50 -14.24 -33.49
CA GLN B 348 5.07 -14.43 -33.88
C GLN B 348 4.39 -15.39 -32.90
N GLN B 349 5.05 -16.48 -32.51
CA GLN B 349 4.53 -17.48 -31.54
C GLN B 349 4.11 -16.76 -30.24
N LEU B 350 4.98 -15.93 -29.68
CA LEU B 350 4.74 -15.21 -28.40
C LEU B 350 3.50 -14.32 -28.54
N VAL B 351 3.41 -13.55 -29.63
CA VAL B 351 2.26 -12.64 -29.93
C VAL B 351 0.98 -13.48 -30.01
N GLU B 352 1.03 -14.62 -30.71
CA GLU B 352 -0.13 -15.53 -30.91
C GLU B 352 -0.63 -16.03 -29.55
N ARG B 353 0.29 -16.49 -28.70
CA ARG B 353 -0.01 -17.01 -27.34
C ARG B 353 -0.66 -15.92 -26.47
N LEU B 354 -0.13 -14.69 -26.51
CA LEU B 354 -0.57 -13.57 -25.64
C LEU B 354 -1.93 -13.04 -26.12
N GLN B 355 -2.12 -12.89 -27.43
CA GLN B 355 -3.42 -12.46 -28.03
C GLN B 355 -4.49 -13.53 -27.74
N GLU B 356 -4.10 -14.81 -27.74
CA GLU B 356 -4.98 -15.97 -27.42
C GLU B 356 -5.43 -15.90 -25.95
N GLU B 357 -4.56 -15.47 -25.04
CA GLU B 357 -4.87 -15.28 -23.59
C GLU B 357 -5.92 -14.17 -23.45
N LYS B 358 -5.76 -13.07 -24.18
CA LYS B 358 -6.67 -11.89 -24.16
C LYS B 358 -8.07 -12.29 -24.64
N ARG B 359 -8.16 -13.15 -25.67
CA ARG B 359 -9.44 -13.67 -26.21
C ARG B 359 -10.19 -14.44 -25.12
N ILE B 360 -9.54 -15.43 -24.50
CA ILE B 360 -10.13 -16.33 -23.46
C ILE B 360 -10.65 -15.49 -22.29
N GLU B 361 -9.91 -14.44 -21.89
CA GLU B 361 -10.26 -13.57 -20.73
C GLU B 361 -11.38 -12.59 -21.14
N ALA B 362 -11.48 -12.24 -22.42
CA ALA B 362 -12.54 -11.38 -22.99
C ALA B 362 -13.85 -12.18 -23.15
N GLN B 363 -13.76 -13.51 -23.21
CA GLN B 363 -14.93 -14.44 -23.26
C GLN B 363 -15.66 -14.38 -21.91
N LYS B 364 -14.91 -14.45 -20.81
CA LYS B 364 -15.44 -14.39 -19.41
C LYS B 364 -15.89 -12.97 -19.10
C1 GOL C . -18.48 2.87 -0.56
O1 GOL C . -18.94 1.53 -0.48
C2 GOL C . -17.35 3.15 0.40
O2 GOL C . -17.76 2.78 1.72
C3 GOL C . -16.87 4.58 0.40
O3 GOL C . -17.69 5.42 -0.39
C1 GOL D . -13.63 2.53 1.40
O1 GOL D . -14.90 2.07 1.85
C2 GOL D . -13.61 2.76 -0.09
O2 GOL D . -14.28 1.70 -0.78
C3 GOL D . -12.22 2.92 -0.67
O3 GOL D . -11.31 1.97 -0.14
C1 GOL E . 2.82 7.68 8.55
O1 GOL E . 3.91 7.09 9.24
C2 GOL E . 2.68 7.09 7.15
O2 GOL E . 2.24 8.11 6.25
C3 GOL E . 1.73 5.91 7.08
O3 GOL E . 2.42 4.67 7.09
C1 GOL F . -2.96 1.99 5.94
O1 GOL F . -2.26 0.92 6.55
C2 GOL F . -2.23 2.53 4.72
O2 GOL F . -1.85 1.45 3.87
C3 GOL F . -3.05 3.52 3.92
O3 GOL F . -2.93 4.84 4.45
C1 GOL G . 17.92 1.61 -0.79
O1 GOL G . 18.00 2.31 0.44
C2 GOL G . 17.46 0.18 -0.59
O2 GOL G . 17.58 -0.53 -1.83
C3 GOL G . 18.21 -0.54 0.52
O3 GOL G . 18.73 -1.80 0.10
C1 GOL H . 13.70 0.13 -1.80
O1 GOL H . 14.81 -0.63 -2.26
C2 GOL H . 13.22 -0.34 -0.44
O2 GOL H . 14.33 -0.41 0.46
C3 GOL H . 12.15 0.56 0.16
O3 GOL H . 10.85 0.16 -0.27
C1 GOL I . 2.27 1.80 -6.26
O1 GOL I . 2.32 0.51 -6.86
C2 GOL I . 3.02 1.83 -4.95
O2 GOL I . 3.37 3.19 -4.64
C3 GOL I . 2.25 1.22 -3.79
O3 GOL I . 3.11 0.48 -2.93
C1 GOL J . 22.05 -12.65 -12.47
O1 GOL J . 23.35 -13.18 -12.74
C2 GOL J . 21.94 -12.11 -11.06
O2 GOL J . 22.79 -12.87 -10.19
C3 GOL J . 22.27 -10.64 -10.94
O3 GOL J . 21.16 -9.88 -10.47
#